data_6GFL
#
_entry.id   6GFL
#
_cell.length_a   94.170
_cell.length_b   101.080
_cell.length_c   112.290
_cell.angle_alpha   90.000
_cell.angle_beta   90.000
_cell.angle_gamma   90.000
#
_symmetry.space_group_name_H-M   'P 21 21 2'
#
loop_
_entity.id
_entity.type
_entity.pdbx_description
1 polymer "Pyrimidine/purine nucleotide 5'-monophosphate nucleosidase"
2 water water
#
_entity_poly.entity_id   1
_entity_poly.type   'polypeptide(L)'
_entity_poly.pdbx_seq_one_letter_code
;RGSHHHHHHTDPALRAITHISPLGSMDMLSQLEVDMLKRTASSDLYQLFRNCSLAVLNSGSLTDNSKELLSRFENFDINV
LRRERGVKLELINPPEEAFVDGRIIRALQANLFAVLRDILFVYGQIHNTVRFPNLNLDNSVHITNLVFSILRNARALHVG
EAPNMVVCWGGHSINENEYLYARRVGNQLGLRELNICTGCGPGAMEAPMKGAAVGHAQQRYKDSRFIGMTEPSIIAAEPP
NPLVNELIIMPDIEKRLEAFVRIAHGIIIFPGGVGTAEELLYLLGILMNPANKDQVLPLILTGPKESADYFRVLDEFVVH
TLGENARRHYRIIIDDAAEVARQMKKSMPLVKENRRDTGDAYSFNWSMRIAPDLQMPFEPSHENMANLKLYPDQPVEVLA
ADLRRAFSGIVAGNVKEVGIRAIEEFGPYKINGDKEIMRRMDDLLQGFVAQHRMKLPGSAYIPCYEICTGLCGR
;
_entity_poly.pdbx_strand_id   A,B
#
# COMPACT_ATOMS: atom_id res chain seq x y z
N ALA A 16 11.74 24.23 -24.21
CA ALA A 16 11.59 23.05 -23.37
C ALA A 16 12.20 23.24 -21.97
N ILE A 17 11.50 23.95 -21.08
CA ILE A 17 11.98 24.19 -19.74
C ILE A 17 11.65 23.00 -18.86
N THR A 18 12.59 22.65 -17.98
CA THR A 18 12.55 21.38 -17.26
C THR A 18 12.64 21.66 -15.76
N HIS A 19 11.78 20.99 -14.98
CA HIS A 19 11.82 21.09 -13.54
C HIS A 19 11.59 19.71 -12.95
N ILE A 20 12.46 19.33 -12.01
CA ILE A 20 12.42 18.04 -11.37
C ILE A 20 11.84 18.22 -9.96
N SER A 21 10.88 17.38 -9.60
CA SER A 21 10.25 17.45 -8.28
C SER A 21 10.29 16.07 -7.64
N PRO A 22 11.15 15.85 -6.65
CA PRO A 22 11.07 14.62 -5.86
C PRO A 22 9.87 14.67 -4.92
N LEU A 23 9.69 13.62 -4.13
CA LEU A 23 8.50 13.44 -3.32
C LEU A 23 8.89 13.36 -1.85
N GLY A 24 7.88 13.16 -1.00
CA GLY A 24 8.06 13.27 0.43
C GLY A 24 8.20 11.96 1.20
N SER A 25 7.60 10.89 0.71
CA SER A 25 7.55 9.61 1.41
C SER A 25 8.45 8.59 0.70
N MET A 26 8.12 7.30 0.86
CA MET A 26 8.85 6.22 0.19
C MET A 26 7.99 5.76 -0.99
N ASP A 27 8.29 6.28 -2.18
CA ASP A 27 7.55 5.94 -3.40
C ASP A 27 8.55 5.41 -4.43
N MET A 28 8.55 4.10 -4.62
CA MET A 28 9.39 3.45 -5.60
C MET A 28 8.52 2.76 -6.65
N LEU A 29 8.95 2.84 -7.89
CA LEU A 29 8.29 2.19 -9.01
C LEU A 29 9.26 1.23 -9.68
N SER A 30 8.70 0.18 -10.28
CA SER A 30 9.52 -0.67 -11.13
C SER A 30 9.70 -0.01 -12.49
N GLN A 31 10.67 -0.51 -13.25
CA GLN A 31 10.84 -0.05 -14.62
C GLN A 31 9.61 -0.36 -15.45
N LEU A 32 8.81 -1.33 -15.03
CA LEU A 32 7.63 -1.74 -15.79
C LEU A 32 6.45 -0.81 -15.57
N GLU A 33 6.27 -0.32 -14.34
CA GLU A 33 5.21 0.65 -14.11
C GLU A 33 5.56 2.00 -14.73
N VAL A 34 6.83 2.34 -14.78
CA VAL A 34 7.25 3.58 -15.44
C VAL A 34 7.04 3.46 -16.95
N ASP A 35 7.29 2.26 -17.50
CA ASP A 35 7.03 2.04 -18.91
C ASP A 35 5.56 2.19 -19.25
N MET A 36 4.66 1.92 -18.29
CA MET A 36 3.23 2.08 -18.55
C MET A 36 2.83 3.53 -18.75
N LEU A 37 3.63 4.48 -18.26
CA LEU A 37 3.27 5.89 -18.29
C LEU A 37 4.07 6.69 -19.29
N LYS A 38 4.94 6.05 -20.08
CA LYS A 38 5.73 6.79 -21.06
C LYS A 38 4.85 7.21 -22.22
N ARG A 39 5.12 8.40 -22.76
CA ARG A 39 4.43 8.82 -23.98
C ARG A 39 4.75 7.83 -25.08
N THR A 40 3.82 6.89 -25.30
CA THR A 40 4.11 5.71 -26.09
C THR A 40 2.81 5.27 -26.76
N ALA A 41 2.95 4.39 -27.74
CA ALA A 41 1.80 3.78 -28.39
C ALA A 41 1.47 2.41 -27.79
N SER A 42 2.02 2.11 -26.61
CA SER A 42 1.86 0.79 -25.98
C SER A 42 0.76 0.75 -24.93
N SER A 43 0.48 1.86 -24.27
CA SER A 43 -0.61 1.91 -23.31
C SER A 43 -1.12 3.34 -23.19
N ASP A 44 -2.41 3.48 -22.93
CA ASP A 44 -3.08 4.77 -22.95
C ASP A 44 -3.12 5.45 -21.58
N LEU A 45 -2.20 5.11 -20.68
CA LEU A 45 -2.13 5.80 -19.40
C LEU A 45 -1.50 7.19 -19.51
N TYR A 46 -0.70 7.45 -20.55
CA TYR A 46 0.05 8.70 -20.59
C TYR A 46 -0.87 9.90 -20.80
N GLN A 47 -1.79 9.81 -21.75
CA GLN A 47 -2.66 10.95 -22.00
C GLN A 47 -3.57 11.24 -20.81
N LEU A 48 -3.94 10.21 -20.04
CA LEU A 48 -4.71 10.43 -18.82
C LEU A 48 -3.82 11.00 -17.72
N PHE A 49 -2.62 10.43 -17.54
CA PHE A 49 -1.72 10.90 -16.49
C PHE A 49 -1.18 12.30 -16.77
N ARG A 50 -0.95 12.63 -18.04
CA ARG A 50 -0.48 13.97 -18.38
C ARG A 50 -1.60 15.00 -18.25
N ASN A 51 -2.82 14.65 -18.68
CA ASN A 51 -3.94 15.59 -18.54
C ASN A 51 -4.28 15.83 -17.08
N CYS A 52 -4.24 14.80 -16.25
CA CYS A 52 -4.52 14.98 -14.83
C CYS A 52 -3.42 15.81 -14.17
N SER A 53 -2.18 15.60 -14.59
CA SER A 53 -1.07 16.39 -14.06
C SER A 53 -1.21 17.86 -14.46
N LEU A 54 -1.58 18.12 -15.72
CA LEU A 54 -1.75 19.49 -16.17
C LEU A 54 -2.89 20.20 -15.44
N ALA A 55 -3.96 19.46 -15.12
CA ALA A 55 -5.04 20.05 -14.34
C ALA A 55 -4.59 20.37 -12.92
N VAL A 56 -3.73 19.52 -12.35
CA VAL A 56 -3.18 19.81 -11.02
C VAL A 56 -2.41 21.12 -11.03
N LEU A 57 -1.55 21.30 -12.05
CA LEU A 57 -0.70 22.48 -12.13
C LEU A 57 -1.47 23.74 -12.49
N ASN A 58 -2.73 23.61 -12.90
CA ASN A 58 -3.57 24.76 -13.19
C ASN A 58 -4.46 25.13 -12.02
N SER A 59 -4.03 24.83 -10.80
CA SER A 59 -4.78 25.21 -9.61
C SER A 59 -5.00 26.71 -9.57
N GLY A 60 -6.24 27.11 -9.28
CA GLY A 60 -6.61 28.51 -9.28
C GLY A 60 -6.89 29.11 -10.65
N SER A 61 -6.84 28.31 -11.71
CA SER A 61 -7.09 28.83 -13.05
C SER A 61 -8.55 29.20 -13.19
N LEU A 62 -8.81 30.39 -13.75
CA LEU A 62 -10.15 30.88 -13.97
C LEU A 62 -10.87 30.22 -15.13
N THR A 63 -10.46 29.01 -15.52
CA THR A 63 -11.04 28.31 -16.66
C THR A 63 -12.07 27.29 -16.20
N ASP A 64 -13.10 27.10 -17.04
CA ASP A 64 -14.24 26.25 -16.72
C ASP A 64 -14.42 25.09 -17.68
N ASN A 65 -13.85 25.17 -18.88
CA ASN A 65 -13.91 24.15 -19.90
C ASN A 65 -12.62 23.32 -19.85
N SER A 66 -12.68 22.12 -20.42
CA SER A 66 -11.50 21.27 -20.44
C SER A 66 -10.57 21.63 -21.60
N LYS A 67 -11.12 21.75 -22.81
CA LYS A 67 -10.31 22.08 -23.98
C LYS A 67 -9.54 23.38 -23.80
N GLU A 68 -10.12 24.35 -23.07
CA GLU A 68 -9.41 25.60 -22.88
C GLU A 68 -8.19 25.43 -21.98
N LEU A 69 -8.22 24.44 -21.08
CA LEU A 69 -7.04 24.17 -20.27
C LEU A 69 -5.92 23.58 -21.11
N LEU A 70 -6.24 22.59 -21.94
CA LEU A 70 -5.23 21.96 -22.77
C LEU A 70 -4.77 22.83 -23.94
N SER A 71 -5.54 23.86 -24.30
CA SER A 71 -5.27 24.62 -25.51
C SER A 71 -3.97 25.43 -25.37
N ARG A 72 -3.85 26.19 -24.26
CA ARG A 72 -2.60 26.92 -23.99
C ARG A 72 -1.45 25.95 -23.90
N PHE A 73 -1.29 25.29 -22.75
CA PHE A 73 -0.16 24.40 -22.54
C PHE A 73 -0.18 23.21 -23.49
N GLU A 74 0.26 23.43 -24.72
CA GLU A 74 0.37 22.38 -25.73
C GLU A 74 1.72 21.69 -25.70
N ASN A 75 2.79 22.42 -25.39
CA ASN A 75 4.13 21.86 -25.29
C ASN A 75 4.44 21.30 -23.91
N PHE A 76 3.42 21.13 -23.05
CA PHE A 76 3.63 20.57 -21.73
C PHE A 76 3.64 19.04 -21.80
N ASP A 77 4.61 18.44 -21.12
CA ASP A 77 4.68 16.99 -20.99
C ASP A 77 5.27 16.66 -19.63
N ILE A 78 5.31 15.37 -19.31
CA ILE A 78 5.78 14.92 -18.00
C ILE A 78 6.34 13.51 -18.14
N ASN A 79 7.54 13.31 -17.62
CA ASN A 79 8.18 12.01 -17.55
C ASN A 79 8.32 11.56 -16.11
N VAL A 80 8.40 10.25 -15.92
CA VAL A 80 8.58 9.63 -14.60
C VAL A 80 9.94 8.96 -14.61
N LEU A 81 10.86 9.46 -13.80
CA LEU A 81 12.22 8.92 -13.74
C LEU A 81 12.38 8.01 -12.53
N ARG A 82 13.18 6.97 -12.69
CA ARG A 82 13.57 6.10 -11.58
C ARG A 82 15.02 6.44 -11.22
N ARG A 83 15.22 6.99 -10.02
CA ARG A 83 16.56 7.37 -9.61
C ARG A 83 16.91 6.82 -8.24
N GLU A 84 18.00 7.32 -7.65
CA GLU A 84 18.65 6.64 -6.52
C GLU A 84 17.69 6.44 -5.35
N ARG A 85 16.90 7.46 -5.02
CA ARG A 85 15.99 7.41 -3.88
C ARG A 85 14.53 7.32 -4.30
N GLY A 86 14.26 6.60 -5.39
CA GLY A 86 12.90 6.28 -5.78
C GLY A 86 12.36 7.10 -6.93
N VAL A 87 11.03 7.25 -6.97
CA VAL A 87 10.39 7.95 -8.07
C VAL A 87 10.83 9.43 -8.09
N LYS A 88 10.73 10.03 -9.27
CA LYS A 88 11.04 11.44 -9.45
C LYS A 88 10.35 11.92 -10.71
N LEU A 89 9.62 13.03 -10.61
CA LEU A 89 8.82 13.55 -11.72
C LEU A 89 9.57 14.68 -12.42
N GLU A 90 9.63 14.60 -13.75
CA GLU A 90 10.28 15.62 -14.58
C GLU A 90 9.22 16.28 -15.43
N LEU A 91 8.96 17.56 -15.16
CA LEU A 91 7.90 18.31 -15.82
C LEU A 91 8.51 19.23 -16.87
N ILE A 92 7.91 19.25 -18.06
CA ILE A 92 8.42 20.02 -19.19
C ILE A 92 7.44 21.16 -19.44
N ASN A 93 7.94 22.39 -19.34
CA ASN A 93 7.13 23.59 -19.45
C ASN A 93 5.80 23.53 -18.67
N PRO A 94 5.84 23.35 -17.35
CA PRO A 94 4.60 23.39 -16.56
C PRO A 94 4.07 24.80 -16.44
N PRO A 95 2.79 24.97 -16.12
CA PRO A 95 2.23 26.32 -15.97
C PRO A 95 3.01 27.13 -14.94
N GLU A 96 3.36 28.37 -15.31
CA GLU A 96 4.11 29.22 -14.40
C GLU A 96 3.29 29.59 -13.17
N GLU A 97 1.96 29.57 -13.28
CA GLU A 97 1.10 29.88 -12.14
C GLU A 97 1.27 28.88 -11.00
N ALA A 98 1.85 27.71 -11.28
CA ALA A 98 2.14 26.71 -10.26
C ALA A 98 3.35 27.06 -9.40
N PHE A 99 4.08 28.12 -9.72
CA PHE A 99 5.32 28.47 -9.04
C PHE A 99 5.10 29.65 -8.10
N VAL A 100 5.84 29.66 -7.00
CA VAL A 100 6.05 30.87 -6.21
C VAL A 100 7.56 31.01 -6.04
N ASP A 101 8.08 32.18 -6.40
CA ASP A 101 9.52 32.46 -6.33
C ASP A 101 10.34 31.32 -6.95
N GLY A 102 9.89 30.84 -8.10
CA GLY A 102 10.63 29.86 -8.87
C GLY A 102 10.52 28.43 -8.39
N ARG A 103 9.70 28.16 -7.37
CA ARG A 103 9.49 26.80 -6.88
C ARG A 103 8.00 26.49 -6.90
N ILE A 104 7.67 25.24 -7.23
CA ILE A 104 6.26 24.84 -7.26
C ILE A 104 5.66 24.92 -5.86
N ILE A 105 4.36 25.18 -5.80
CA ILE A 105 3.66 25.11 -4.53
C ILE A 105 3.63 23.65 -4.08
N ARG A 106 3.97 23.43 -2.80
CA ARG A 106 4.12 22.06 -2.29
C ARG A 106 2.82 21.27 -2.37
N ALA A 107 1.67 21.93 -2.28
CA ALA A 107 0.40 21.20 -2.42
C ALA A 107 0.28 20.59 -3.81
N LEU A 108 0.64 21.36 -4.84
CA LEU A 108 0.58 20.82 -6.21
C LEU A 108 1.58 19.69 -6.42
N GLN A 109 2.74 19.77 -5.78
CA GLN A 109 3.71 18.69 -5.89
C GLN A 109 3.16 17.40 -5.30
N ALA A 110 2.53 17.49 -4.13
CA ALA A 110 1.95 16.30 -3.52
C ALA A 110 0.75 15.79 -4.30
N ASN A 111 -0.02 16.70 -4.92
CA ASN A 111 -1.12 16.32 -5.78
C ASN A 111 -0.63 15.52 -7.00
N LEU A 112 0.52 15.93 -7.56
CA LEU A 112 1.07 15.22 -8.71
C LEU A 112 1.44 13.79 -8.36
N PHE A 113 1.99 13.57 -7.16
CA PHE A 113 2.32 12.23 -6.72
C PHE A 113 1.10 11.43 -6.30
N ALA A 114 -0.01 12.11 -5.99
CA ALA A 114 -1.29 11.43 -5.78
C ALA A 114 -1.93 11.02 -7.10
N VAL A 115 -1.77 11.84 -8.13
CA VAL A 115 -2.20 11.44 -9.48
C VAL A 115 -1.41 10.22 -9.93
N LEU A 116 -0.10 10.24 -9.75
CA LEU A 116 0.73 9.09 -10.13
C LEU A 116 0.30 7.83 -9.37
N ARG A 117 -0.03 7.98 -8.09
CA ARG A 117 -0.43 6.84 -7.27
C ARG A 117 -1.78 6.27 -7.72
N ASP A 118 -2.76 7.16 -7.96
CA ASP A 118 -4.12 6.72 -8.26
C ASP A 118 -4.23 6.16 -9.67
N ILE A 119 -3.47 6.69 -10.64
CA ILE A 119 -3.55 6.18 -12.00
C ILE A 119 -2.91 4.80 -12.09
N LEU A 120 -1.81 4.59 -11.38
CA LEU A 120 -1.14 3.29 -11.43
C LEU A 120 -1.94 2.21 -10.72
N PHE A 121 -2.48 2.53 -9.54
CA PHE A 121 -3.19 1.54 -8.75
C PHE A 121 -4.48 1.09 -9.45
N VAL A 122 -5.26 2.05 -9.94
CA VAL A 122 -6.56 1.73 -10.56
C VAL A 122 -6.36 0.80 -11.75
N TYR A 123 -5.45 1.17 -12.64
CA TYR A 123 -5.19 0.40 -13.85
CA TYR A 123 -5.29 0.35 -13.82
C TYR A 123 -4.52 -0.94 -13.54
N GLY A 124 -3.81 -1.02 -12.42
CA GLY A 124 -3.24 -2.30 -12.01
C GLY A 124 -4.27 -3.21 -11.38
N GLN A 125 -5.28 -2.64 -10.72
CA GLN A 125 -6.35 -3.42 -10.10
C GLN A 125 -7.40 -3.85 -11.12
N ILE A 126 -7.58 -3.08 -12.19
CA ILE A 126 -8.48 -3.50 -13.27
C ILE A 126 -7.96 -4.78 -13.92
N HIS A 127 -6.65 -4.97 -13.93
CA HIS A 127 -6.04 -6.11 -14.59
C HIS A 127 -5.61 -7.18 -13.58
N LEU A 137 -20.01 -12.37 -6.30
CA LEU A 137 -20.35 -12.63 -7.69
C LEU A 137 -20.81 -11.34 -8.38
N ASP A 138 -21.55 -10.52 -7.64
CA ASP A 138 -22.15 -9.33 -8.20
C ASP A 138 -21.09 -8.33 -8.62
N ASN A 139 -21.43 -7.51 -9.62
CA ASN A 139 -20.55 -6.42 -10.01
C ASN A 139 -20.66 -5.23 -9.07
N SER A 140 -21.83 -5.07 -8.42
CA SER A 140 -21.99 -4.00 -7.44
C SER A 140 -21.03 -4.19 -6.28
N VAL A 141 -20.84 -5.43 -5.82
CA VAL A 141 -19.89 -5.73 -4.76
C VAL A 141 -18.48 -5.33 -5.17
N HIS A 142 -18.09 -5.63 -6.40
CA HIS A 142 -16.73 -5.35 -6.85
C HIS A 142 -16.50 -3.85 -7.05
N ILE A 143 -17.54 -3.11 -7.44
CA ILE A 143 -17.41 -1.66 -7.58
C ILE A 143 -17.14 -1.02 -6.22
N THR A 144 -17.94 -1.39 -5.21
CA THR A 144 -17.73 -0.86 -3.86
C THR A 144 -16.37 -1.27 -3.32
N ASN A 145 -15.94 -2.50 -3.59
CA ASN A 145 -14.61 -2.94 -3.14
C ASN A 145 -13.49 -2.21 -3.87
N LEU A 146 -13.71 -1.84 -5.13
CA LEU A 146 -12.71 -1.03 -5.82
C LEU A 146 -12.61 0.35 -5.18
N VAL A 147 -13.75 0.98 -4.91
CA VAL A 147 -13.76 2.28 -4.24
C VAL A 147 -13.01 2.20 -2.92
N PHE A 148 -13.29 1.17 -2.12
CA PHE A 148 -12.59 0.99 -0.85
C PHE A 148 -11.10 0.78 -1.05
N SER A 149 -10.72 0.04 -2.10
CA SER A 149 -9.31 -0.26 -2.34
C SER A 149 -8.52 1.00 -2.69
N ILE A 150 -9.10 1.88 -3.51
CA ILE A 150 -8.41 3.11 -3.90
C ILE A 150 -8.23 4.01 -2.69
N LEU A 151 -9.25 4.10 -1.83
CA LEU A 151 -9.11 4.87 -0.61
C LEU A 151 -8.10 4.23 0.34
N ARG A 152 -8.13 2.91 0.47
CA ARG A 152 -7.17 2.20 1.31
C ARG A 152 -5.74 2.46 0.82
N ASN A 153 -5.54 2.34 -0.50
CA ASN A 153 -4.21 2.54 -1.07
C ASN A 153 -3.74 3.98 -0.91
N ALA A 154 -4.66 4.93 -0.88
CA ALA A 154 -4.33 6.34 -0.70
C ALA A 154 -4.13 6.74 0.75
N ARG A 155 -4.16 5.77 1.67
CA ARG A 155 -4.07 6.05 3.12
C ARG A 155 -5.09 7.10 3.54
N ALA A 156 -6.30 7.00 2.99
CA ALA A 156 -7.35 7.97 3.25
C ALA A 156 -8.39 7.49 4.26
N LEU A 157 -8.42 6.20 4.57
CA LEU A 157 -9.38 5.66 5.53
C LEU A 157 -8.72 5.62 6.91
N HIS A 158 -8.73 6.78 7.56
CA HIS A 158 -8.19 6.95 8.89
C HIS A 158 -9.28 7.54 9.78
N VAL A 159 -9.36 7.06 11.01
CA VAL A 159 -10.33 7.56 11.97
C VAL A 159 -9.63 7.78 13.30
N GLY A 160 -9.82 8.98 13.87
CA GLY A 160 -9.33 9.27 15.20
C GLY A 160 -10.18 8.60 16.26
N GLU A 161 -10.26 9.21 17.43
CA GLU A 161 -11.12 8.67 18.47
C GLU A 161 -12.59 8.81 18.13
N ALA A 162 -12.94 9.76 17.25
CA ALA A 162 -14.32 9.97 16.86
C ALA A 162 -14.41 10.28 15.37
N PRO A 163 -15.45 9.80 14.69
CA PRO A 163 -15.65 10.18 13.29
C PRO A 163 -15.88 11.69 13.17
N ASN A 164 -15.15 12.31 12.25
CA ASN A 164 -15.21 13.76 12.13
C ASN A 164 -15.17 14.26 10.68
N MET A 165 -15.29 13.39 9.68
CA MET A 165 -15.20 13.81 8.28
C MET A 165 -16.55 14.35 7.80
N VAL A 166 -16.55 15.60 7.33
CA VAL A 166 -17.77 16.28 6.91
C VAL A 166 -17.63 16.61 5.43
N VAL A 167 -18.45 15.98 4.59
CA VAL A 167 -18.44 16.25 3.15
C VAL A 167 -19.21 17.54 2.87
N CYS A 168 -18.60 18.44 2.12
CA CYS A 168 -19.19 19.70 1.74
C CYS A 168 -19.34 19.77 0.22
N TRP A 169 -20.56 20.09 -0.24
CA TRP A 169 -20.88 20.22 -1.66
C TRP A 169 -21.36 21.63 -1.94
N GLY A 170 -20.97 22.16 -3.09
CA GLY A 170 -21.35 23.52 -3.45
C GLY A 170 -20.85 23.85 -4.84
N GLY A 171 -21.24 25.03 -5.31
CA GLY A 171 -20.97 25.41 -6.68
C GLY A 171 -19.55 25.89 -6.91
N HIS A 172 -19.05 25.63 -8.12
CA HIS A 172 -17.74 26.13 -8.52
C HIS A 172 -17.75 27.62 -8.83
N SER A 173 -18.93 28.19 -9.11
CA SER A 173 -19.07 29.59 -9.49
C SER A 173 -20.11 30.22 -8.56
N ILE A 174 -19.65 30.89 -7.50
CA ILE A 174 -20.53 31.38 -6.45
C ILE A 174 -20.24 32.86 -6.18
N ASN A 175 -21.13 33.46 -5.39
CA ASN A 175 -21.00 34.83 -4.95
C ASN A 175 -19.85 34.99 -3.95
N GLU A 176 -19.46 36.24 -3.72
CA GLU A 176 -18.56 36.51 -2.60
C GLU A 176 -19.29 36.37 -1.27
N ASN A 177 -20.59 36.67 -1.24
CA ASN A 177 -21.38 36.43 -0.04
C ASN A 177 -21.45 34.94 0.27
N GLU A 178 -21.68 34.12 -0.74
CA GLU A 178 -21.73 32.67 -0.54
C GLU A 178 -20.34 32.12 -0.19
N TYR A 179 -19.30 32.68 -0.79
CA TYR A 179 -17.94 32.24 -0.48
C TYR A 179 -17.58 32.55 0.96
N LEU A 180 -17.89 33.77 1.41
CA LEU A 180 -17.64 34.14 2.80
C LEU A 180 -18.45 33.27 3.76
N TYR A 181 -19.73 33.03 3.45
CA TYR A 181 -20.55 32.20 4.33
C TYR A 181 -20.00 30.79 4.39
N ALA A 182 -19.64 30.21 3.25
CA ALA A 182 -19.05 28.87 3.23
C ALA A 182 -17.74 28.82 4.02
N ARG A 183 -16.92 29.87 3.90
CA ARG A 183 -15.69 29.92 4.68
C ARG A 183 -16.00 30.12 6.16
N ARG A 184 -17.03 30.91 6.46
CA ARG A 184 -17.46 31.05 7.86
C ARG A 184 -18.01 29.73 8.41
N VAL A 185 -18.68 28.93 7.58
CA VAL A 185 -19.13 27.61 8.02
C VAL A 185 -17.94 26.70 8.26
N GLY A 186 -17.00 26.65 7.32
CA GLY A 186 -15.82 25.81 7.50
C GLY A 186 -14.98 26.24 8.69
N ASN A 187 -14.90 27.55 8.93
CA ASN A 187 -14.24 28.05 10.12
C ASN A 187 -14.90 27.52 11.39
N GLN A 188 -16.23 27.53 11.43
CA GLN A 188 -16.94 27.00 12.59
C GLN A 188 -16.76 25.48 12.69
N LEU A 189 -16.74 24.80 11.54
CA LEU A 189 -16.49 23.36 11.54
C LEU A 189 -15.10 23.04 12.06
N GLY A 190 -14.09 23.80 11.63
CA GLY A 190 -12.74 23.60 12.13
C GLY A 190 -12.59 23.89 13.61
N LEU A 191 -13.39 24.81 14.16
CA LEU A 191 -13.34 25.10 15.59
C LEU A 191 -13.81 23.91 16.44
N ARG A 192 -14.58 22.99 15.85
CA ARG A 192 -15.04 21.80 16.55
C ARG A 192 -14.25 20.56 16.15
N GLU A 193 -13.05 20.75 15.58
CA GLU A 193 -12.16 19.65 15.22
C GLU A 193 -12.82 18.68 14.24
N LEU A 194 -13.50 19.25 13.24
CA LEU A 194 -14.08 18.47 12.15
C LEU A 194 -13.27 18.67 10.88
N ASN A 195 -13.14 17.60 10.11
CA ASN A 195 -12.39 17.63 8.86
C ASN A 195 -13.34 17.83 7.68
N ILE A 196 -12.77 18.12 6.52
CA ILE A 196 -13.52 18.53 5.35
C ILE A 196 -13.16 17.63 4.18
N CYS A 197 -14.16 17.08 3.51
CA CYS A 197 -14.00 16.42 2.23
C CYS A 197 -14.81 17.17 1.18
N THR A 198 -14.25 17.27 -0.03
CA THR A 198 -14.79 18.15 -1.03
C THR A 198 -14.44 17.58 -2.42
N GLY A 199 -15.21 18.00 -3.43
CA GLY A 199 -14.89 17.69 -4.82
C GLY A 199 -13.67 18.41 -5.37
N CYS A 200 -12.93 19.11 -4.49
CA CYS A 200 -11.62 19.71 -4.72
C CYS A 200 -11.62 20.88 -5.70
N GLY A 201 -12.78 21.38 -6.11
CA GLY A 201 -12.83 22.47 -7.06
C GLY A 201 -12.70 23.84 -6.43
N PRO A 202 -13.03 24.89 -7.18
CA PRO A 202 -12.99 26.25 -6.63
C PRO A 202 -14.35 26.65 -6.05
N GLY A 203 -14.47 27.90 -5.61
CA GLY A 203 -15.75 28.39 -5.11
C GLY A 203 -16.10 27.74 -3.78
N ALA A 204 -17.33 27.25 -3.68
CA ALA A 204 -17.78 26.59 -2.46
C ALA A 204 -17.10 25.26 -2.23
N MET A 205 -16.27 24.81 -3.15
CA MET A 205 -15.42 23.66 -2.91
C MET A 205 -14.09 24.05 -2.29
N GLU A 206 -13.79 25.34 -2.21
CA GLU A 206 -12.56 25.84 -1.62
C GLU A 206 -12.79 26.60 -0.33
N ALA A 207 -13.86 27.39 -0.26
CA ALA A 207 -14.10 28.27 0.89
C ALA A 207 -14.15 27.53 2.23
N PRO A 208 -14.87 26.42 2.38
CA PRO A 208 -14.87 25.74 3.69
C PRO A 208 -13.50 25.23 4.11
N MET A 209 -12.60 24.96 3.17
CA MET A 209 -11.27 24.50 3.53
C MET A 209 -10.41 25.64 4.04
N LYS A 210 -10.50 26.82 3.42
CA LYS A 210 -9.82 28.00 3.93
C LYS A 210 -10.28 28.32 5.34
N GLY A 211 -11.59 28.19 5.61
CA GLY A 211 -12.10 28.46 6.94
C GLY A 211 -11.63 27.45 7.96
N ALA A 212 -11.70 26.16 7.60
CA ALA A 212 -11.26 25.11 8.53
C ALA A 212 -9.79 25.22 8.85
N ALA A 213 -8.97 25.67 7.89
CA ALA A 213 -7.55 25.84 8.14
C ALA A 213 -7.32 26.89 9.23
N VAL A 214 -8.10 27.96 9.21
CA VAL A 214 -8.02 28.94 10.29
C VAL A 214 -8.69 28.40 11.55
N GLY A 215 -9.80 27.68 11.40
CA GLY A 215 -10.47 27.10 12.56
C GLY A 215 -9.60 26.09 13.29
N HIS A 216 -8.97 25.19 12.54
CA HIS A 216 -8.07 24.21 13.13
C HIS A 216 -6.90 24.90 13.84
N ALA A 217 -6.42 26.01 13.29
CA ALA A 217 -5.34 26.74 13.96
C ALA A 217 -5.83 27.37 15.27
N GLN A 218 -7.07 27.87 15.29
CA GLN A 218 -7.61 28.47 16.51
C GLN A 218 -7.76 27.42 17.62
N GLN A 219 -8.25 26.23 17.29
CA GLN A 219 -8.33 25.13 18.24
C GLN A 219 -7.04 24.32 18.27
N ARG A 220 -5.97 24.84 17.68
CA ARG A 220 -4.67 24.16 17.66
C ARG A 220 -4.84 22.70 17.24
N TYR A 221 -5.72 22.47 16.27
CA TYR A 221 -5.92 21.14 15.72
C TYR A 221 -4.76 20.80 14.80
N LYS A 222 -4.13 19.66 15.05
CA LYS A 222 -2.83 19.33 14.48
C LYS A 222 -2.95 18.73 13.07
N ASP A 223 -3.70 17.64 12.94
CA ASP A 223 -3.71 16.84 11.71
C ASP A 223 -4.98 17.14 10.92
N SER A 224 -4.98 18.30 10.27
CA SER A 224 -6.08 18.67 9.39
C SER A 224 -6.11 17.79 8.14
N ARG A 225 -7.30 17.30 7.80
CA ARG A 225 -7.50 16.45 6.63
C ARG A 225 -8.51 17.15 5.73
N PHE A 226 -8.03 17.64 4.59
CA PHE A 226 -8.85 18.32 3.59
C PHE A 226 -8.82 17.45 2.34
N ILE A 227 -9.73 16.49 2.31
CA ILE A 227 -9.74 15.49 1.24
C ILE A 227 -10.41 16.08 0.01
N GLY A 228 -9.69 16.11 -1.09
CA GLY A 228 -10.26 16.46 -2.39
C GLY A 228 -10.47 15.22 -3.23
N MET A 229 -11.66 15.11 -3.81
CA MET A 229 -12.03 13.96 -4.63
C MET A 229 -12.41 14.46 -6.01
N THR A 230 -11.69 13.99 -7.02
CA THR A 230 -11.95 14.39 -8.39
C THR A 230 -11.90 13.14 -9.26
N GLU A 231 -12.17 13.32 -10.55
CA GLU A 231 -12.14 12.22 -11.51
C GLU A 231 -11.77 12.80 -12.86
N PRO A 232 -11.22 11.97 -13.77
CA PRO A 232 -10.58 12.53 -14.98
C PRO A 232 -11.49 13.41 -15.83
N SER A 233 -12.80 13.16 -15.83
CA SER A 233 -13.71 13.88 -16.71
C SER A 233 -14.01 15.31 -16.24
N ILE A 234 -13.78 15.60 -14.97
CA ILE A 234 -14.09 16.90 -14.40
C ILE A 234 -12.85 17.65 -13.92
N ILE A 235 -11.69 17.00 -13.79
CA ILE A 235 -10.56 17.62 -13.10
C ILE A 235 -10.04 18.82 -13.87
N ALA A 236 -10.13 18.82 -15.20
CA ALA A 236 -9.66 19.95 -15.98
C ALA A 236 -10.62 21.13 -15.92
N ALA A 237 -11.92 20.87 -15.72
CA ALA A 237 -12.89 21.94 -15.57
C ALA A 237 -12.82 22.61 -14.20
N GLU A 238 -12.50 21.83 -13.16
CA GLU A 238 -12.40 22.33 -11.78
C GLU A 238 -11.08 21.84 -11.19
N PRO A 239 -9.99 22.52 -11.48
CA PRO A 239 -8.69 22.05 -11.01
C PRO A 239 -8.64 22.05 -9.50
N PRO A 240 -7.90 21.11 -8.90
CA PRO A 240 -7.87 21.02 -7.44
C PRO A 240 -7.31 22.29 -6.81
N ASN A 241 -8.01 22.79 -5.79
CA ASN A 241 -7.61 24.01 -5.13
C ASN A 241 -6.37 23.75 -4.26
N PRO A 242 -5.59 24.79 -3.96
CA PRO A 242 -4.35 24.59 -3.19
C PRO A 242 -4.57 24.23 -1.72
N LEU A 243 -5.80 24.34 -1.20
CA LEU A 243 -6.06 24.01 0.19
C LEU A 243 -6.25 22.52 0.43
N VAL A 244 -6.39 21.71 -0.62
CA VAL A 244 -6.51 20.26 -0.47
C VAL A 244 -5.16 19.69 -0.08
N ASN A 245 -5.14 18.88 0.98
CA ASN A 245 -3.93 18.17 1.39
C ASN A 245 -4.03 16.67 1.16
N GLU A 246 -5.14 16.18 0.64
CA GLU A 246 -5.31 14.76 0.32
C GLU A 246 -6.14 14.67 -0.96
N LEU A 247 -5.46 14.55 -2.10
CA LEU A 247 -6.15 14.42 -3.37
C LEU A 247 -6.40 12.95 -3.69
N ILE A 248 -7.62 12.66 -4.16
CA ILE A 248 -8.01 11.31 -4.58
C ILE A 248 -8.61 11.39 -5.96
N ILE A 249 -8.08 10.60 -6.89
CA ILE A 249 -8.65 10.45 -8.24
C ILE A 249 -9.46 9.16 -8.26
N MET A 250 -10.81 9.30 -8.36
CA MET A 250 -11.63 8.12 -8.61
C MET A 250 -11.74 7.88 -10.11
N PRO A 251 -12.01 6.65 -10.55
CA PRO A 251 -11.95 6.36 -12.00
C PRO A 251 -12.98 7.10 -12.84
N ASP A 252 -14.14 7.45 -12.29
CA ASP A 252 -15.18 8.10 -13.08
C ASP A 252 -16.16 8.81 -12.15
N ILE A 253 -17.22 9.35 -12.74
CA ILE A 253 -18.17 10.16 -11.99
C ILE A 253 -18.87 9.34 -10.92
N GLU A 254 -19.37 8.15 -11.30
CA GLU A 254 -20.24 7.41 -10.38
C GLU A 254 -19.47 6.92 -9.16
N LYS A 255 -18.21 6.52 -9.33
CA LYS A 255 -17.43 6.03 -8.20
C LYS A 255 -16.89 7.13 -7.31
N ARG A 256 -16.80 8.37 -7.82
CA ARG A 256 -16.47 9.47 -6.93
C ARG A 256 -17.68 9.85 -6.08
N LEU A 257 -18.87 9.81 -6.69
CA LEU A 257 -20.11 9.97 -5.91
C LEU A 257 -20.21 8.90 -4.83
N GLU A 258 -19.94 7.65 -5.18
CA GLU A 258 -19.91 6.59 -4.17
C GLU A 258 -18.88 6.89 -3.08
N ALA A 259 -17.71 7.42 -3.47
CA ALA A 259 -16.66 7.68 -2.49
C ALA A 259 -17.14 8.67 -1.43
N PHE A 260 -17.80 9.75 -1.86
CA PHE A 260 -18.33 10.75 -0.93
C PHE A 260 -19.20 10.13 0.15
N VAL A 261 -20.20 9.34 -0.26
CA VAL A 261 -21.17 8.79 0.70
C VAL A 261 -20.50 7.81 1.65
N ARG A 262 -19.43 7.14 1.21
CA ARG A 262 -18.82 6.11 2.03
C ARG A 262 -17.88 6.68 3.09
N ILE A 263 -17.07 7.69 2.73
CA ILE A 263 -16.16 8.28 3.71
C ILE A 263 -16.86 9.24 4.66
N ALA A 264 -18.01 9.80 4.24
CA ALA A 264 -18.68 10.83 5.01
C ALA A 264 -19.30 10.26 6.28
N HIS A 265 -19.27 11.06 7.35
CA HIS A 265 -20.23 10.89 8.44
C HIS A 265 -21.22 12.05 8.55
N GLY A 266 -20.99 13.12 7.81
CA GLY A 266 -22.00 14.16 7.67
C GLY A 266 -21.78 14.88 6.35
N ILE A 267 -22.86 15.45 5.82
CA ILE A 267 -22.83 16.09 4.52
C ILE A 267 -23.45 17.47 4.64
N ILE A 268 -22.79 18.46 4.05
CA ILE A 268 -23.28 19.83 3.98
C ILE A 268 -23.33 20.24 2.51
N ILE A 269 -24.44 20.86 2.11
CA ILE A 269 -24.67 21.26 0.72
C ILE A 269 -24.93 22.76 0.69
N PHE A 270 -24.00 23.51 0.11
CA PHE A 270 -24.19 24.93 -0.12
C PHE A 270 -24.93 25.13 -1.44
N PRO A 271 -25.32 26.36 -1.76
CA PRO A 271 -25.88 26.61 -3.09
C PRO A 271 -24.88 26.28 -4.20
N GLY A 272 -25.42 25.83 -5.33
CA GLY A 272 -24.57 25.46 -6.45
C GLY A 272 -25.36 25.34 -7.72
N GLY A 273 -24.69 24.81 -8.74
CA GLY A 273 -25.27 24.59 -10.05
C GLY A 273 -25.78 23.18 -10.24
N VAL A 274 -25.72 22.71 -11.49
CA VAL A 274 -26.22 21.37 -11.81
C VAL A 274 -25.34 20.31 -11.18
N GLY A 275 -24.04 20.56 -11.05
CA GLY A 275 -23.18 19.61 -10.39
C GLY A 275 -23.57 19.39 -8.94
N THR A 276 -24.00 20.46 -8.26
CA THR A 276 -24.49 20.34 -6.89
C THR A 276 -25.85 19.66 -6.84
N ALA A 277 -26.71 19.94 -7.83
CA ALA A 277 -27.99 19.26 -7.92
C ALA A 277 -27.82 17.77 -8.18
N GLU A 278 -26.88 17.41 -9.07
CA GLU A 278 -26.61 16.00 -9.33
C GLU A 278 -26.24 15.27 -8.04
N GLU A 279 -25.35 15.87 -7.24
CA GLU A 279 -24.93 15.23 -5.99
C GLU A 279 -26.09 15.16 -5.00
N LEU A 280 -26.93 16.19 -4.97
CA LEU A 280 -28.09 16.18 -4.10
C LEU A 280 -29.05 15.06 -4.48
N LEU A 281 -29.42 14.98 -5.76
CA LEU A 281 -30.33 13.94 -6.22
C LEU A 281 -29.75 12.55 -6.02
N TYR A 282 -28.43 12.40 -6.16
CA TYR A 282 -27.78 11.12 -5.91
C TYR A 282 -27.96 10.69 -4.46
N LEU A 283 -27.65 11.59 -3.52
CA LEU A 283 -27.70 11.27 -2.10
C LEU A 283 -29.14 11.00 -1.62
N LEU A 284 -30.10 11.79 -2.10
CA LEU A 284 -31.49 11.53 -1.74
C LEU A 284 -31.93 10.16 -2.21
N GLY A 285 -31.51 9.75 -3.41
CA GLY A 285 -31.87 8.42 -3.88
C GLY A 285 -31.40 7.31 -2.97
N ILE A 286 -30.26 7.52 -2.29
CA ILE A 286 -29.75 6.52 -1.36
C ILE A 286 -30.47 6.60 -0.03
N LEU A 287 -30.64 7.81 0.51
CA LEU A 287 -31.27 7.97 1.81
C LEU A 287 -32.72 7.49 1.80
N MET A 288 -33.42 7.67 0.69
CA MET A 288 -34.83 7.26 0.59
C MET A 288 -35.02 5.78 0.33
N ASN A 289 -33.94 5.02 0.16
CA ASN A 289 -34.05 3.57 0.07
C ASN A 289 -34.44 3.01 1.42
N PRO A 290 -35.50 2.20 1.51
CA PRO A 290 -35.90 1.66 2.83
C PRO A 290 -34.85 0.76 3.45
N ALA A 291 -33.91 0.22 2.66
CA ALA A 291 -32.80 -0.53 3.21
C ALA A 291 -31.85 0.32 4.03
N ASN A 292 -31.95 1.65 3.93
CA ASN A 292 -31.12 2.58 4.67
C ASN A 292 -31.90 3.31 5.77
N LYS A 293 -33.03 2.75 6.20
CA LYS A 293 -33.88 3.41 7.18
C LYS A 293 -33.18 3.56 8.54
N ASP A 294 -32.27 2.66 8.87
CA ASP A 294 -31.55 2.71 10.13
C ASP A 294 -30.15 3.34 9.99
N GLN A 295 -29.91 4.08 8.91
CA GLN A 295 -28.61 4.68 8.64
C GLN A 295 -28.62 6.14 9.10
N VAL A 296 -27.65 6.50 9.94
CA VAL A 296 -27.48 7.86 10.42
C VAL A 296 -26.47 8.56 9.53
N LEU A 297 -26.93 9.55 8.75
CA LEU A 297 -26.06 10.40 7.93
C LEU A 297 -26.66 11.80 7.94
N PRO A 298 -26.22 12.68 8.83
CA PRO A 298 -26.79 14.03 8.91
C PRO A 298 -26.55 14.83 7.64
N LEU A 299 -27.61 15.45 7.14
CA LEU A 299 -27.57 16.21 5.89
C LEU A 299 -28.16 17.59 6.13
N ILE A 300 -27.35 18.62 5.95
CA ILE A 300 -27.75 20.00 6.18
C ILE A 300 -27.52 20.80 4.89
N LEU A 301 -28.57 21.47 4.43
CA LEU A 301 -28.47 22.44 3.35
C LEU A 301 -28.37 23.83 3.95
N THR A 302 -27.38 24.59 3.52
CA THR A 302 -27.15 25.88 4.16
C THR A 302 -26.66 26.90 3.15
N GLY A 303 -26.96 28.16 3.42
CA GLY A 303 -26.51 29.28 2.63
C GLY A 303 -26.70 30.59 3.35
N PRO A 304 -26.23 31.69 2.75
CA PRO A 304 -26.38 33.01 3.39
C PRO A 304 -27.81 33.53 3.32
N LYS A 305 -28.02 34.80 3.68
CA LYS A 305 -29.36 35.37 3.69
C LYS A 305 -30.01 35.33 2.31
N GLU A 306 -29.24 35.72 1.28
CA GLU A 306 -29.80 35.83 -0.07
C GLU A 306 -30.16 34.48 -0.67
N SER A 307 -29.59 33.38 -0.16
CA SER A 307 -29.88 32.06 -0.69
C SER A 307 -31.22 31.51 -0.22
N ALA A 308 -32.02 32.32 0.49
CA ALA A 308 -33.33 31.85 0.95
C ALA A 308 -34.25 31.56 -0.22
N ASP A 309 -34.31 32.48 -1.19
CA ASP A 309 -35.10 32.23 -2.39
C ASP A 309 -34.57 31.05 -3.18
N TYR A 310 -33.25 30.85 -3.15
CA TYR A 310 -32.64 29.72 -3.85
C TYR A 310 -33.13 28.39 -3.27
N PHE A 311 -32.98 28.22 -1.95
CA PHE A 311 -33.37 26.96 -1.33
C PHE A 311 -34.87 26.74 -1.35
N ARG A 312 -35.67 27.80 -1.50
CA ARG A 312 -37.10 27.61 -1.61
C ARG A 312 -37.47 26.97 -2.94
N VAL A 313 -36.85 27.44 -4.03
CA VAL A 313 -37.07 26.84 -5.34
C VAL A 313 -36.51 25.43 -5.37
N LEU A 314 -35.31 25.24 -4.83
CA LEU A 314 -34.69 23.91 -4.79
C LEU A 314 -35.53 22.95 -3.97
N ASP A 315 -35.91 23.35 -2.75
CA ASP A 315 -36.72 22.48 -1.91
C ASP A 315 -38.04 22.13 -2.58
N GLU A 316 -38.68 23.10 -3.23
CA GLU A 316 -39.94 22.83 -3.89
C GLU A 316 -39.77 21.83 -5.03
N PHE A 317 -38.66 21.90 -5.75
CA PHE A 317 -38.41 20.94 -6.82
C PHE A 317 -38.25 19.52 -6.26
N VAL A 318 -37.35 19.36 -5.28
CA VAL A 318 -37.13 18.05 -4.67
C VAL A 318 -38.42 17.55 -4.02
N VAL A 319 -39.15 18.44 -3.35
CA VAL A 319 -40.33 18.03 -2.61
C VAL A 319 -41.45 17.60 -3.53
N HIS A 320 -41.43 18.06 -4.79
CA HIS A 320 -42.46 17.68 -5.75
C HIS A 320 -42.12 16.38 -6.46
N THR A 321 -40.92 16.31 -7.02
CA THR A 321 -40.52 15.13 -7.76
C THR A 321 -40.42 13.91 -6.85
N LEU A 322 -39.72 14.03 -5.73
CA LEU A 322 -39.45 12.89 -4.86
C LEU A 322 -40.46 12.73 -3.73
N GLY A 323 -41.41 13.65 -3.59
CA GLY A 323 -42.39 13.56 -2.53
C GLY A 323 -41.99 14.35 -1.29
N GLU A 324 -43.01 14.75 -0.52
CA GLU A 324 -42.79 15.52 0.70
C GLU A 324 -42.05 14.73 1.78
N ASN A 325 -41.89 13.42 1.60
CA ASN A 325 -41.09 12.60 2.51
C ASN A 325 -39.59 12.73 2.23
N ALA A 326 -39.18 13.74 1.47
CA ALA A 326 -37.76 14.00 1.22
C ALA A 326 -37.14 14.88 2.29
N ARG A 327 -37.91 15.81 2.86
CA ARG A 327 -37.40 16.65 3.94
C ARG A 327 -37.07 15.85 5.20
N ARG A 328 -37.53 14.60 5.30
CA ARG A 328 -37.11 13.75 6.40
C ARG A 328 -35.59 13.59 6.45
N HIS A 329 -34.92 13.81 5.33
CA HIS A 329 -33.50 13.49 5.22
C HIS A 329 -32.59 14.70 5.25
N TYR A 330 -33.12 15.92 5.14
CA TYR A 330 -32.25 17.10 5.18
C TYR A 330 -32.90 18.19 6.01
N ARG A 331 -32.07 19.17 6.39
CA ARG A 331 -32.49 20.37 7.09
C ARG A 331 -31.88 21.58 6.38
N ILE A 332 -32.64 22.66 6.32
CA ILE A 332 -32.19 23.90 5.70
C ILE A 332 -31.95 24.92 6.81
N ILE A 333 -30.68 25.27 7.01
CA ILE A 333 -30.27 26.31 7.96
C ILE A 333 -29.71 27.47 7.14
N ILE A 334 -30.24 28.68 7.40
CA ILE A 334 -29.93 29.84 6.58
C ILE A 334 -29.37 30.95 7.45
N ASP A 335 -28.19 31.46 7.08
CA ASP A 335 -27.50 32.53 7.80
C ASP A 335 -27.26 32.16 9.27
N ASP A 336 -26.68 30.97 9.46
CA ASP A 336 -26.23 30.55 10.79
C ASP A 336 -25.13 29.52 10.56
N ALA A 337 -23.88 29.98 10.56
CA ALA A 337 -22.76 29.08 10.37
C ALA A 337 -22.41 28.31 11.64
N ALA A 338 -22.57 28.95 12.81
CA ALA A 338 -22.30 28.26 14.06
C ALA A 338 -23.28 27.13 14.29
N GLU A 339 -24.55 27.33 13.91
CA GLU A 339 -25.56 26.29 14.14
C GLU A 339 -25.35 25.10 13.21
N VAL A 340 -24.92 25.35 11.97
CA VAL A 340 -24.63 24.25 11.06
C VAL A 340 -23.51 23.38 11.63
N ALA A 341 -22.41 24.01 12.03
CA ALA A 341 -21.30 23.27 12.62
C ALA A 341 -21.70 22.62 13.94
N ARG A 342 -22.52 23.31 14.73
CA ARG A 342 -22.96 22.77 16.00
C ARG A 342 -23.81 21.53 15.82
N GLN A 343 -24.65 21.53 14.78
CA GLN A 343 -25.56 20.40 14.58
C GLN A 343 -24.79 19.17 14.11
N MET A 344 -23.79 19.34 13.26
CA MET A 344 -23.06 18.18 12.78
C MET A 344 -22.07 17.66 13.81
N LYS A 345 -21.48 18.55 14.61
CA LYS A 345 -20.62 18.10 15.69
C LYS A 345 -21.41 17.28 16.71
N LYS A 346 -22.62 17.72 17.03
CA LYS A 346 -23.49 16.94 17.91
C LYS A 346 -23.87 15.60 17.28
N SER A 347 -23.91 15.53 15.94
CA SER A 347 -24.34 14.33 15.25
C SER A 347 -23.26 13.25 15.15
N MET A 348 -21.99 13.62 15.28
CA MET A 348 -20.92 12.62 15.17
C MET A 348 -21.00 11.51 16.20
N PRO A 349 -21.31 11.75 17.48
CA PRO A 349 -21.49 10.63 18.39
C PRO A 349 -22.61 9.69 17.99
N LEU A 350 -23.64 10.20 17.29
CA LEU A 350 -24.69 9.34 16.78
C LEU A 350 -24.17 8.45 15.66
N VAL A 351 -23.36 9.01 14.76
CA VAL A 351 -22.76 8.23 13.69
C VAL A 351 -21.87 7.14 14.28
N LYS A 352 -21.08 7.48 15.29
CA LYS A 352 -20.17 6.49 15.89
C LYS A 352 -20.94 5.30 16.44
N GLU A 353 -22.04 5.55 17.15
CA GLU A 353 -22.83 4.46 17.70
C GLU A 353 -23.56 3.69 16.61
N ASN A 354 -23.97 4.36 15.54
CA ASN A 354 -24.59 3.66 14.42
C ASN A 354 -23.62 2.64 13.81
N ARG A 355 -22.38 3.06 13.55
CA ARG A 355 -21.37 2.13 13.07
C ARG A 355 -21.08 1.04 14.10
N ARG A 356 -21.10 1.40 15.38
CA ARG A 356 -20.76 0.44 16.44
C ARG A 356 -21.81 -0.67 16.53
N ASP A 357 -23.08 -0.30 16.43
CA ASP A 357 -24.16 -1.25 16.63
C ASP A 357 -24.41 -2.17 15.45
N THR A 358 -23.64 -2.03 14.37
CA THR A 358 -23.78 -2.89 13.20
C THR A 358 -22.48 -3.55 12.78
N GLY A 359 -21.43 -3.46 13.60
CA GLY A 359 -20.13 -3.99 13.22
C GLY A 359 -19.46 -3.26 12.07
N ASP A 360 -20.04 -2.16 11.60
CA ASP A 360 -19.50 -1.42 10.48
C ASP A 360 -18.26 -0.65 10.89
N ALA A 361 -17.55 -0.12 9.89
CA ALA A 361 -16.31 0.60 10.11
C ALA A 361 -16.58 2.09 10.30
N TYR A 362 -15.72 2.73 11.10
CA TYR A 362 -15.88 4.15 11.37
C TYR A 362 -15.54 5.00 10.15
N SER A 363 -14.53 4.60 9.38
CA SER A 363 -14.00 5.43 8.32
C SER A 363 -14.55 5.07 6.94
N PHE A 364 -15.43 4.06 6.85
CA PHE A 364 -15.95 3.63 5.55
C PHE A 364 -17.28 2.93 5.79
N ASN A 365 -18.37 3.54 5.31
CA ASN A 365 -19.72 3.02 5.57
C ASN A 365 -20.02 1.89 4.58
N TRP A 366 -19.69 0.67 4.98
CA TRP A 366 -20.03 -0.50 4.19
C TRP A 366 -21.53 -0.77 4.17
N SER A 367 -22.20 -0.52 5.31
CA SER A 367 -23.60 -0.93 5.46
C SER A 367 -24.53 -0.17 4.51
N MET A 368 -24.18 1.05 4.15
CA MET A 368 -25.01 1.81 3.22
C MET A 368 -25.18 1.05 1.91
N ARG A 369 -26.43 0.88 1.49
CA ARG A 369 -26.73 0.15 0.28
C ARG A 369 -26.89 1.15 -0.85
N ILE A 370 -26.05 1.03 -1.87
CA ILE A 370 -26.14 1.83 -3.09
C ILE A 370 -26.69 0.92 -4.18
N ALA A 371 -27.87 1.24 -4.67
CA ALA A 371 -28.50 0.43 -5.70
C ALA A 371 -27.60 0.39 -6.94
N PRO A 372 -27.53 -0.74 -7.64
CA PRO A 372 -26.66 -0.82 -8.82
C PRO A 372 -26.96 0.25 -9.86
N ASP A 373 -28.22 0.70 -9.96
CA ASP A 373 -28.56 1.74 -10.91
C ASP A 373 -27.87 3.06 -10.57
N LEU A 374 -27.55 3.30 -9.29
CA LEU A 374 -26.79 4.49 -8.93
C LEU A 374 -25.29 4.32 -9.19
N GLN A 375 -24.82 3.08 -9.32
CA GLN A 375 -23.43 2.81 -9.67
C GLN A 375 -23.21 2.68 -11.17
N MET A 376 -24.27 2.54 -11.96
CA MET A 376 -24.12 2.32 -13.38
C MET A 376 -23.62 3.58 -14.07
N PRO A 377 -22.50 3.54 -14.79
CA PRO A 377 -22.02 4.74 -15.48
C PRO A 377 -22.99 5.18 -16.56
N PHE A 378 -23.03 6.49 -16.78
CA PHE A 378 -23.99 7.11 -17.70
C PHE A 378 -23.22 7.95 -18.71
N GLU A 379 -23.42 7.66 -20.01
CA GLU A 379 -22.84 8.48 -21.05
C GLU A 379 -23.91 9.41 -21.60
N PRO A 380 -23.74 10.72 -21.49
CA PRO A 380 -24.78 11.64 -21.97
C PRO A 380 -24.88 11.70 -23.49
N SER A 381 -25.88 11.04 -24.06
CA SER A 381 -26.19 11.14 -25.47
C SER A 381 -27.55 11.80 -25.65
N HIS A 382 -27.81 12.28 -26.87
CA HIS A 382 -29.08 12.94 -27.14
C HIS A 382 -30.26 12.00 -26.95
N GLU A 383 -30.04 10.69 -27.12
CA GLU A 383 -31.10 9.71 -26.97
C GLU A 383 -31.26 9.25 -25.53
N ASN A 384 -30.15 9.11 -24.80
CA ASN A 384 -30.24 8.74 -23.38
C ASN A 384 -30.95 9.82 -22.57
N MET A 385 -30.68 11.10 -22.88
CA MET A 385 -31.33 12.17 -22.16
C MET A 385 -32.82 12.25 -22.50
N ALA A 386 -33.19 11.87 -23.73
CA ALA A 386 -34.58 11.93 -24.16
C ALA A 386 -35.40 10.75 -23.65
N ASN A 387 -34.76 9.69 -23.15
CA ASN A 387 -35.45 8.49 -22.70
C ASN A 387 -35.31 8.27 -21.20
N LEU A 388 -35.14 9.35 -20.43
CA LEU A 388 -35.10 9.25 -18.99
C LEU A 388 -36.53 9.18 -18.45
N LYS A 389 -36.72 8.36 -17.41
CA LYS A 389 -38.07 8.11 -16.88
C LYS A 389 -38.41 9.14 -15.79
N LEU A 390 -38.60 10.37 -16.24
CA LEU A 390 -38.89 11.50 -15.36
C LEU A 390 -40.38 11.67 -15.09
N TYR A 391 -41.11 10.61 -15.06
CA TYR A 391 -42.54 10.68 -14.89
C TYR A 391 -42.93 10.25 -13.48
N PRO A 392 -44.02 10.81 -12.94
CA PRO A 392 -44.44 10.42 -11.58
C PRO A 392 -44.88 8.97 -11.46
N ASP A 393 -45.08 8.27 -12.59
CA ASP A 393 -45.44 6.86 -12.54
C ASP A 393 -44.36 6.03 -11.85
N GLN A 394 -43.06 6.40 -12.07
CA GLN A 394 -41.95 5.58 -11.58
C GLN A 394 -41.75 5.77 -10.06
N PRO A 395 -41.16 4.78 -9.40
CA PRO A 395 -40.79 4.95 -7.99
C PRO A 395 -39.73 6.02 -7.82
N VAL A 396 -39.54 6.41 -6.55
CA VAL A 396 -38.64 7.53 -6.25
C VAL A 396 -37.19 7.15 -6.53
N GLU A 397 -36.82 5.88 -6.37
CA GLU A 397 -35.46 5.46 -6.68
C GLU A 397 -35.16 5.59 -8.17
N VAL A 398 -36.13 5.22 -9.02
CA VAL A 398 -35.98 5.42 -10.46
C VAL A 398 -35.96 6.90 -10.78
N LEU A 399 -36.80 7.67 -10.11
CA LEU A 399 -36.83 9.12 -10.31
C LEU A 399 -35.50 9.76 -9.94
N ALA A 400 -35.00 9.47 -8.74
CA ALA A 400 -33.76 10.11 -8.29
C ALA A 400 -32.57 9.68 -9.13
N ALA A 401 -32.54 8.41 -9.55
CA ALA A 401 -31.44 7.92 -10.38
C ALA A 401 -31.44 8.59 -11.74
N ASP A 402 -32.61 8.70 -12.37
CA ASP A 402 -32.68 9.31 -13.69
C ASP A 402 -32.50 10.83 -13.61
N LEU A 403 -33.00 11.46 -12.56
CA LEU A 403 -32.72 12.88 -12.35
C LEU A 403 -31.23 13.12 -12.19
N ARG A 404 -30.53 12.21 -11.51
CA ARG A 404 -29.08 12.31 -11.42
C ARG A 404 -28.46 12.30 -12.82
N ARG A 405 -28.89 11.37 -13.67
CA ARG A 405 -28.35 11.28 -15.02
C ARG A 405 -28.62 12.56 -15.80
N ALA A 406 -29.84 13.08 -15.73
CA ALA A 406 -30.19 14.28 -16.47
C ALA A 406 -29.25 15.44 -16.10
N PHE A 407 -29.03 15.65 -14.81
CA PHE A 407 -28.13 16.72 -14.37
C PHE A 407 -26.69 16.41 -14.77
N SER A 408 -26.29 15.14 -14.68
CA SER A 408 -24.95 14.76 -15.11
C SER A 408 -24.72 15.07 -16.58
N GLY A 409 -25.76 14.90 -17.41
CA GLY A 409 -25.61 15.21 -18.82
C GLY A 409 -25.47 16.70 -19.08
N ILE A 410 -26.18 17.51 -18.29
CA ILE A 410 -26.05 18.96 -18.42
C ILE A 410 -24.66 19.41 -17.99
N VAL A 411 -24.06 18.74 -17.01
CA VAL A 411 -22.66 19.03 -16.66
C VAL A 411 -21.76 18.76 -17.84
N ALA A 412 -21.93 17.60 -18.48
CA ALA A 412 -21.06 17.23 -19.59
C ALA A 412 -21.26 18.16 -20.78
N GLY A 413 -22.50 18.44 -21.13
CA GLY A 413 -22.78 19.36 -22.22
C GLY A 413 -22.41 20.81 -21.97
N ASN A 414 -21.85 21.11 -20.80
CA ASN A 414 -21.50 22.46 -20.42
C ASN A 414 -19.99 22.70 -20.32
N VAL A 415 -19.25 21.77 -19.71
CA VAL A 415 -17.85 21.98 -19.40
C VAL A 415 -16.95 20.87 -19.91
N LYS A 416 -17.49 19.85 -20.57
CA LYS A 416 -16.71 18.70 -21.03
C LYS A 416 -16.78 18.60 -22.54
N GLU A 417 -15.67 18.19 -23.15
CA GLU A 417 -15.56 18.25 -24.60
C GLU A 417 -16.55 17.31 -25.29
N VAL A 418 -16.76 16.11 -24.73
CA VAL A 418 -17.62 15.15 -25.41
C VAL A 418 -19.08 15.62 -25.40
N GLY A 419 -19.46 16.39 -24.38
CA GLY A 419 -20.78 17.00 -24.32
C GLY A 419 -20.86 18.26 -25.15
N ILE A 420 -19.85 19.12 -25.06
CA ILE A 420 -19.83 20.37 -25.82
C ILE A 420 -19.77 20.07 -27.32
N ARG A 421 -18.97 19.08 -27.71
CA ARG A 421 -18.89 18.69 -29.10
C ARG A 421 -20.24 18.22 -29.61
N ALA A 422 -20.89 17.31 -28.87
CA ALA A 422 -22.16 16.75 -29.32
C ALA A 422 -23.27 17.81 -29.35
N ILE A 423 -23.22 18.78 -28.43
CA ILE A 423 -24.23 19.83 -28.42
C ILE A 423 -23.97 20.86 -29.50
N GLU A 424 -22.72 21.32 -29.62
CA GLU A 424 -22.38 22.32 -30.63
C GLU A 424 -22.48 21.79 -32.04
N GLU A 425 -22.64 20.48 -32.21
CA GLU A 425 -22.77 19.92 -33.53
C GLU A 425 -24.15 19.30 -33.81
N PHE A 426 -24.87 18.80 -32.79
CA PHE A 426 -26.22 18.22 -32.97
C PHE A 426 -27.33 18.97 -32.22
N GLY A 427 -27.00 20.04 -31.48
CA GLY A 427 -28.00 20.82 -30.79
C GLY A 427 -28.05 20.52 -29.31
N PRO A 428 -28.67 21.42 -28.54
CA PRO A 428 -28.78 21.21 -27.09
C PRO A 428 -29.60 19.98 -26.77
N TYR A 429 -29.40 19.47 -25.56
CA TYR A 429 -30.13 18.30 -25.11
C TYR A 429 -31.62 18.60 -24.98
N LYS A 430 -32.44 17.59 -25.22
CA LYS A 430 -33.88 17.67 -25.05
C LYS A 430 -34.31 16.51 -24.16
N ILE A 431 -34.56 16.81 -22.89
CA ILE A 431 -35.02 15.81 -21.93
C ILE A 431 -36.54 15.76 -21.98
N ASN A 432 -37.08 14.55 -21.84
CA ASN A 432 -38.52 14.35 -21.86
C ASN A 432 -38.99 13.87 -20.49
N GLY A 433 -40.17 14.33 -20.10
CA GLY A 433 -40.73 13.94 -18.82
C GLY A 433 -42.13 14.46 -18.65
N ASP A 434 -42.62 14.34 -17.42
CA ASP A 434 -43.90 14.95 -17.10
C ASP A 434 -43.82 16.45 -17.32
N LYS A 435 -44.86 17.01 -17.95
CA LYS A 435 -44.82 18.44 -18.29
C LYS A 435 -44.89 19.33 -17.07
N GLU A 436 -45.22 18.79 -15.88
CA GLU A 436 -45.12 19.55 -14.65
C GLU A 436 -43.75 19.42 -14.00
N ILE A 437 -43.17 18.22 -14.01
CA ILE A 437 -41.85 18.01 -13.42
C ILE A 437 -40.81 18.82 -14.18
N MET A 438 -40.83 18.74 -15.51
CA MET A 438 -39.87 19.49 -16.31
C MET A 438 -40.16 20.99 -16.29
N ARG A 439 -41.42 21.37 -16.05
CA ARG A 439 -41.73 22.78 -15.89
C ARG A 439 -41.02 23.36 -14.67
N ARG A 440 -40.87 22.56 -13.61
CA ARG A 440 -40.14 22.99 -12.43
C ARG A 440 -38.63 22.87 -12.64
N MET A 441 -38.19 21.81 -13.31
CA MET A 441 -36.76 21.66 -13.57
C MET A 441 -36.25 22.78 -14.49
N ASP A 442 -37.05 23.14 -15.49
CA ASP A 442 -36.73 24.30 -16.31
C ASP A 442 -36.62 25.55 -15.43
N ASP A 443 -37.69 25.86 -14.69
CA ASP A 443 -37.72 27.04 -13.84
C ASP A 443 -36.48 27.13 -12.95
N LEU A 444 -36.00 26.00 -12.42
CA LEU A 444 -34.83 26.05 -11.56
C LEU A 444 -33.57 26.32 -12.37
N LEU A 445 -33.37 25.56 -13.46
CA LEU A 445 -32.16 25.72 -14.26
C LEU A 445 -31.99 27.12 -14.81
N GLN A 446 -33.08 27.89 -14.95
CA GLN A 446 -32.92 29.27 -15.40
C GLN A 446 -32.49 30.18 -14.26
N GLY A 447 -32.85 29.85 -13.02
CA GLY A 447 -32.23 30.53 -11.89
C GLY A 447 -30.74 30.30 -11.83
N PHE A 448 -30.31 29.06 -12.11
CA PHE A 448 -28.88 28.76 -12.20
C PHE A 448 -28.17 29.70 -13.17
N VAL A 449 -28.77 29.94 -14.33
CA VAL A 449 -28.16 30.84 -15.31
C VAL A 449 -28.25 32.29 -14.85
N ALA A 450 -29.38 32.66 -14.22
CA ALA A 450 -29.58 34.05 -13.80
C ALA A 450 -28.57 34.46 -12.73
N GLN A 451 -28.25 33.55 -11.81
CA GLN A 451 -27.27 33.82 -10.77
C GLN A 451 -25.84 33.49 -11.23
N HIS A 452 -25.62 33.37 -12.54
CA HIS A 452 -24.29 33.18 -13.11
C HIS A 452 -23.59 31.97 -12.51
N ARG A 453 -24.31 30.85 -12.42
CA ARG A 453 -23.74 29.61 -11.93
C ARG A 453 -23.22 28.71 -13.05
N MET A 454 -23.89 28.69 -14.21
CA MET A 454 -23.45 27.71 -15.20
C MET A 454 -23.27 28.27 -16.61
N LYS A 455 -24.18 29.10 -17.09
CA LYS A 455 -24.07 29.62 -18.46
C LYS A 455 -24.32 31.12 -18.53
N ALA B 16 -12.37 -23.77 25.23
CA ALA B 16 -11.63 -23.00 24.22
C ALA B 16 -11.51 -21.54 24.64
N ILE B 17 -10.35 -21.17 25.17
CA ILE B 17 -10.09 -19.81 25.61
C ILE B 17 -9.54 -19.00 24.44
N THR B 18 -10.05 -17.80 24.24
CA THR B 18 -9.69 -16.96 23.11
C THR B 18 -9.01 -15.69 23.60
N HIS B 19 -8.45 -14.96 22.64
CA HIS B 19 -7.90 -13.63 22.88
C HIS B 19 -7.91 -12.86 21.58
N ILE B 20 -8.24 -11.57 21.67
CA ILE B 20 -8.44 -10.72 20.50
C ILE B 20 -7.34 -9.66 20.48
N SER B 21 -6.62 -9.56 19.34
CA SER B 21 -5.44 -8.71 19.18
C SER B 21 -5.74 -7.50 18.31
N PRO B 22 -5.26 -6.32 18.69
CA PRO B 22 -5.50 -5.12 17.87
C PRO B 22 -4.37 -4.79 16.92
N LEU B 23 -4.70 -4.11 15.83
CA LEU B 23 -3.68 -3.66 14.88
C LEU B 23 -2.84 -2.54 15.49
N GLY B 24 -1.58 -2.48 15.09
CA GLY B 24 -0.69 -1.44 15.57
C GLY B 24 -0.73 -0.20 14.69
N SER B 25 -0.85 -0.42 13.37
CA SER B 25 -1.11 0.62 12.40
C SER B 25 -2.43 0.31 11.71
N MET B 26 -3.23 1.35 11.48
CA MET B 26 -4.59 1.19 10.99
C MET B 26 -4.65 0.30 9.75
N ASP B 27 -5.25 -0.88 9.91
CA ASP B 27 -5.29 -1.92 8.89
C ASP B 27 -6.74 -2.26 8.60
N MET B 28 -7.11 -2.26 7.32
CA MET B 28 -8.50 -2.46 6.91
C MET B 28 -8.60 -3.57 5.88
N LEU B 29 -9.55 -4.47 6.07
CA LEU B 29 -9.86 -5.52 5.10
C LEU B 29 -11.28 -5.32 4.60
N SER B 30 -11.58 -5.98 3.49
CA SER B 30 -12.94 -6.08 2.99
C SER B 30 -13.54 -7.43 3.41
N GLN B 31 -14.86 -7.50 3.40
CA GLN B 31 -15.54 -8.74 3.75
C GLN B 31 -15.14 -9.90 2.84
N LEU B 32 -14.55 -9.58 1.69
CA LEU B 32 -14.16 -10.58 0.70
C LEU B 32 -12.73 -11.05 0.87
N GLU B 33 -11.85 -10.18 1.38
CA GLU B 33 -10.50 -10.60 1.69
C GLU B 33 -10.45 -11.50 2.92
N VAL B 34 -11.31 -11.24 3.91
CA VAL B 34 -11.34 -12.09 5.09
C VAL B 34 -11.94 -13.45 4.76
N ASP B 35 -12.90 -13.49 3.83
CA ASP B 35 -13.50 -14.76 3.44
C ASP B 35 -12.48 -15.69 2.79
N MET B 36 -11.45 -15.13 2.15
CA MET B 36 -10.34 -15.95 1.66
C MET B 36 -9.63 -16.66 2.80
N LEU B 37 -9.72 -16.14 4.02
CA LEU B 37 -9.13 -16.76 5.21
C LEU B 37 -10.16 -17.49 6.06
N LYS B 38 -11.42 -17.56 5.62
CA LYS B 38 -12.44 -18.22 6.41
C LYS B 38 -12.11 -19.70 6.60
N ARG B 39 -12.44 -20.22 7.79
CA ARG B 39 -12.00 -21.54 8.17
C ARG B 39 -12.78 -22.61 7.40
N THR B 40 -12.06 -23.40 6.61
CA THR B 40 -12.62 -24.52 5.87
C THR B 40 -11.64 -25.67 5.89
N ALA B 41 -12.13 -26.85 5.55
CA ALA B 41 -11.29 -28.03 5.37
C ALA B 41 -10.91 -28.26 3.91
N SER B 42 -11.37 -27.39 3.01
CA SER B 42 -11.09 -27.51 1.59
C SER B 42 -10.21 -26.41 1.03
N SER B 43 -10.18 -25.24 1.67
CA SER B 43 -9.36 -24.12 1.20
C SER B 43 -7.99 -24.19 1.87
N ASP B 44 -6.98 -24.58 1.10
CA ASP B 44 -5.60 -24.68 1.57
C ASP B 44 -5.13 -23.40 2.26
N LEU B 45 -5.63 -22.25 1.82
CA LEU B 45 -5.01 -20.99 2.17
C LEU B 45 -5.12 -20.69 3.66
N TYR B 46 -6.19 -21.13 4.32
CA TYR B 46 -6.29 -20.91 5.76
C TYR B 46 -5.16 -21.64 6.49
N GLN B 47 -4.90 -22.89 6.11
CA GLN B 47 -3.86 -23.67 6.79
C GLN B 47 -2.53 -22.95 6.76
N LEU B 48 -2.12 -22.47 5.58
CA LEU B 48 -0.87 -21.73 5.47
C LEU B 48 -0.87 -20.50 6.37
N PHE B 49 -1.99 -19.79 6.43
CA PHE B 49 -2.11 -18.65 7.33
C PHE B 49 -2.13 -19.08 8.79
N ARG B 50 -2.71 -20.25 9.08
CA ARG B 50 -2.84 -20.70 10.46
C ARG B 50 -1.48 -21.10 11.03
N ASN B 51 -0.71 -21.90 10.28
CA ASN B 51 0.56 -22.40 10.80
C ASN B 51 1.61 -21.30 10.86
N CYS B 52 1.62 -20.41 9.86
CA CYS B 52 2.52 -19.27 9.92
C CYS B 52 2.25 -18.42 11.15
N SER B 53 0.97 -18.24 11.49
CA SER B 53 0.61 -17.53 12.70
C SER B 53 1.05 -18.29 13.94
N LEU B 54 0.97 -19.61 13.91
CA LEU B 54 1.40 -20.43 15.05
C LEU B 54 2.90 -20.34 15.24
N ALA B 55 3.68 -20.39 14.15
CA ALA B 55 5.13 -20.28 14.25
C ALA B 55 5.54 -18.96 14.90
N VAL B 56 4.87 -17.87 14.54
CA VAL B 56 5.16 -16.58 15.15
C VAL B 56 4.95 -16.65 16.66
N LEU B 57 3.91 -17.37 17.09
CA LEU B 57 3.55 -17.42 18.50
C LEU B 57 4.48 -18.30 19.32
N ASN B 58 5.23 -19.19 18.68
CA ASN B 58 6.25 -19.99 19.35
C ASN B 58 7.63 -19.34 19.29
N SER B 59 7.68 -18.01 19.30
CA SER B 59 8.95 -17.30 19.29
C SER B 59 9.77 -17.67 20.52
N GLY B 60 11.09 -17.79 20.33
CA GLY B 60 11.94 -18.25 21.41
C GLY B 60 11.72 -19.71 21.75
N SER B 61 11.48 -20.54 20.73
CA SER B 61 11.22 -21.95 20.96
C SER B 61 12.47 -22.64 21.50
N LEU B 62 12.28 -23.45 22.53
CA LEU B 62 13.37 -24.21 23.15
C LEU B 62 13.74 -25.46 22.37
N THR B 63 13.17 -25.66 21.18
CA THR B 63 13.38 -26.86 20.38
C THR B 63 13.81 -26.46 18.97
N ASP B 64 14.14 -27.48 18.18
CA ASP B 64 14.53 -27.32 16.78
C ASP B 64 13.60 -28.02 15.81
N ASN B 65 13.02 -29.15 16.19
CA ASN B 65 12.19 -29.93 15.28
C ASN B 65 10.93 -29.16 14.90
N SER B 66 10.49 -29.34 13.65
CA SER B 66 9.29 -28.67 13.14
C SER B 66 8.08 -29.60 13.07
N LYS B 67 8.28 -30.91 13.10
CA LYS B 67 7.15 -31.84 13.08
C LYS B 67 6.39 -31.85 14.40
N GLU B 68 7.09 -31.58 15.50
CA GLU B 68 6.49 -31.69 16.82
C GLU B 68 5.69 -30.46 17.21
N LEU B 69 6.12 -29.27 16.78
CA LEU B 69 5.47 -28.04 17.22
C LEU B 69 4.02 -27.96 16.75
N LEU B 70 3.76 -28.41 15.52
CA LEU B 70 2.37 -28.48 15.05
C LEU B 70 1.58 -29.51 15.85
N SER B 71 2.20 -30.64 16.17
CA SER B 71 1.53 -31.70 16.92
C SER B 71 1.24 -31.30 18.36
N ARG B 72 1.77 -30.18 18.83
CA ARG B 72 1.52 -29.71 20.19
C ARG B 72 0.37 -28.72 20.27
N PHE B 73 0.20 -27.89 19.25
CA PHE B 73 -0.85 -26.88 19.21
C PHE B 73 -1.74 -27.19 18.00
N GLU B 74 -2.64 -28.15 18.17
CA GLU B 74 -3.60 -28.53 17.14
C GLU B 74 -4.96 -27.89 17.35
N ASN B 75 -5.39 -27.72 18.60
CA ASN B 75 -6.63 -27.02 18.89
C ASN B 75 -6.50 -25.51 18.69
N PHE B 76 -5.30 -25.01 18.44
CA PHE B 76 -5.13 -23.60 18.14
C PHE B 76 -5.66 -23.28 16.75
N ASP B 77 -6.36 -22.15 16.64
CA ASP B 77 -6.85 -21.67 15.35
C ASP B 77 -6.89 -20.15 15.40
N ILE B 78 -7.24 -19.53 14.28
CA ILE B 78 -7.21 -18.08 14.15
C ILE B 78 -8.37 -17.63 13.26
N ASN B 79 -9.09 -16.61 13.70
CA ASN B 79 -10.15 -15.98 12.91
C ASN B 79 -9.84 -14.51 12.71
N VAL B 80 -10.01 -14.04 11.48
CA VAL B 80 -9.85 -12.64 11.13
C VAL B 80 -11.20 -11.95 11.28
N LEU B 81 -11.21 -10.77 11.92
CA LEU B 81 -12.43 -10.06 12.22
C LEU B 81 -12.40 -8.66 11.64
N ARG B 82 -13.57 -8.14 11.31
CA ARG B 82 -13.72 -6.79 10.77
C ARG B 82 -14.56 -5.98 11.76
N ARG B 83 -13.91 -5.06 12.46
CA ARG B 83 -14.54 -4.29 13.52
C ARG B 83 -14.50 -2.80 13.19
N GLU B 84 -14.91 -1.97 14.17
CA GLU B 84 -15.09 -0.55 13.91
C GLU B 84 -13.78 0.13 13.54
N ARG B 85 -12.68 -0.27 14.17
CA ARG B 85 -11.39 0.36 13.93
C ARG B 85 -10.48 -0.51 13.07
N GLY B 86 -11.03 -1.47 12.34
CA GLY B 86 -10.28 -2.27 11.41
C GLY B 86 -10.26 -3.74 11.80
N VAL B 87 -9.12 -4.38 11.59
CA VAL B 87 -8.98 -5.82 11.68
C VAL B 87 -8.61 -6.22 13.10
N LYS B 88 -9.25 -7.27 13.59
CA LYS B 88 -8.86 -7.89 14.85
C LYS B 88 -8.55 -9.36 14.59
N LEU B 89 -7.54 -9.87 15.27
CA LEU B 89 -7.16 -11.28 15.17
C LEU B 89 -7.69 -12.00 16.41
N GLU B 90 -8.65 -12.89 16.20
CA GLU B 90 -9.22 -13.70 17.27
C GLU B 90 -8.45 -15.02 17.34
N LEU B 91 -7.60 -15.16 18.35
CA LEU B 91 -6.73 -16.31 18.49
C LEU B 91 -7.36 -17.31 19.46
N ILE B 92 -7.57 -18.53 18.98
CA ILE B 92 -8.16 -19.62 19.77
C ILE B 92 -7.02 -20.46 20.34
N ASN B 93 -7.00 -20.61 21.66
CA ASN B 93 -6.00 -21.39 22.37
C ASN B 93 -4.56 -21.05 21.93
N PRO B 94 -4.12 -19.81 22.11
CA PRO B 94 -2.75 -19.45 21.73
C PRO B 94 -1.76 -19.94 22.77
N PRO B 95 -0.52 -20.22 22.38
CA PRO B 95 0.48 -20.67 23.34
C PRO B 95 0.76 -19.61 24.39
N GLU B 96 0.82 -20.04 25.66
CA GLU B 96 0.99 -19.11 26.78
C GLU B 96 2.38 -18.50 26.79
N GLU B 97 3.37 -19.17 26.21
CA GLU B 97 4.72 -18.63 26.19
C GLU B 97 4.83 -17.38 25.32
N ALA B 98 3.83 -17.12 24.47
CA ALA B 98 3.79 -15.90 23.70
C ALA B 98 3.31 -14.69 24.52
N PHE B 99 2.78 -14.92 25.71
CA PHE B 99 2.23 -13.87 26.54
C PHE B 99 3.20 -13.45 27.63
N VAL B 100 3.05 -12.22 28.09
CA VAL B 100 3.73 -11.70 29.27
C VAL B 100 2.66 -11.07 30.15
N ASP B 101 2.31 -11.75 31.23
CA ASP B 101 1.27 -11.30 32.16
C ASP B 101 -0.07 -11.11 31.46
N GLY B 102 -0.51 -12.17 30.80
CA GLY B 102 -1.83 -12.17 30.20
C GLY B 102 -1.99 -11.27 29.00
N ARG B 103 -0.90 -10.81 28.40
CA ARG B 103 -0.98 -9.96 27.22
C ARG B 103 0.10 -10.36 26.23
N ILE B 104 -0.29 -10.49 24.96
CA ILE B 104 0.61 -10.99 23.93
C ILE B 104 1.70 -9.97 23.67
N ILE B 105 2.96 -10.44 23.64
CA ILE B 105 4.10 -9.55 23.37
C ILE B 105 3.88 -8.82 22.06
N ARG B 106 4.08 -7.50 22.10
CA ARG B 106 3.66 -6.66 20.97
C ARG B 106 4.50 -6.89 19.72
N ALA B 107 5.72 -7.42 19.84
CA ALA B 107 6.45 -7.82 18.65
C ALA B 107 5.73 -8.97 17.95
N LEU B 108 5.23 -9.94 18.73
CA LEU B 108 4.48 -11.04 18.13
C LEU B 108 3.15 -10.56 17.54
N GLN B 109 2.58 -9.51 18.11
CA GLN B 109 1.38 -8.91 17.51
C GLN B 109 1.70 -8.33 16.15
N ALA B 110 2.80 -7.57 16.06
CA ALA B 110 3.20 -6.98 14.78
C ALA B 110 3.56 -8.06 13.77
N ASN B 111 4.19 -9.14 14.22
CA ASN B 111 4.53 -10.24 13.32
C ASN B 111 3.28 -10.91 12.76
N LEU B 112 2.25 -11.04 13.59
CA LEU B 112 1.02 -11.67 13.13
C LEU B 112 0.36 -10.85 12.03
N PHE B 113 0.27 -9.54 12.22
CA PHE B 113 -0.33 -8.68 11.20
C PHE B 113 0.55 -8.57 9.97
N ALA B 114 1.86 -8.77 10.12
CA ALA B 114 2.73 -8.87 8.94
C ALA B 114 2.45 -10.16 8.18
N VAL B 115 2.14 -11.24 8.91
CA VAL B 115 1.74 -12.48 8.27
C VAL B 115 0.41 -12.31 7.54
N LEU B 116 -0.54 -11.62 8.18
CA LEU B 116 -1.80 -11.33 7.51
C LEU B 116 -1.60 -10.44 6.29
N ARG B 117 -0.65 -9.50 6.37
CA ARG B 117 -0.42 -8.58 5.26
C ARG B 117 0.19 -9.29 4.06
N ASP B 118 1.23 -10.09 4.31
CA ASP B 118 1.98 -10.69 3.20
C ASP B 118 1.16 -11.78 2.51
N ILE B 119 0.51 -12.64 3.30
CA ILE B 119 -0.25 -13.75 2.73
C ILE B 119 -1.33 -13.24 1.80
N LEU B 120 -2.05 -12.20 2.21
CA LEU B 120 -3.09 -11.64 1.36
C LEU B 120 -2.51 -11.03 0.09
N PHE B 121 -1.31 -10.43 0.19
CA PHE B 121 -0.72 -9.77 -0.96
C PHE B 121 -0.18 -10.78 -1.98
N VAL B 122 0.60 -11.76 -1.51
CA VAL B 122 1.22 -12.72 -2.41
C VAL B 122 0.20 -13.58 -3.13
N TYR B 123 -1.06 -13.57 -2.70
CA TYR B 123 -2.12 -14.36 -3.30
CA TYR B 123 -2.07 -14.36 -3.37
C TYR B 123 -3.09 -13.54 -4.13
N GLY B 124 -3.20 -12.23 -3.87
CA GLY B 124 -4.00 -11.38 -4.72
C GLY B 124 -3.29 -10.97 -5.99
N GLN B 125 -1.95 -10.89 -5.94
CA GLN B 125 -1.17 -10.56 -7.12
C GLN B 125 -1.06 -11.73 -8.09
N ILE B 126 -1.07 -12.96 -7.57
CA ILE B 126 -1.05 -14.14 -8.44
C ILE B 126 -2.31 -14.19 -9.29
N HIS B 127 -3.44 -13.79 -8.72
CA HIS B 127 -4.72 -13.80 -9.43
C HIS B 127 -5.04 -12.42 -9.98
N ASP B 138 9.67 -11.65 -20.76
CA ASP B 138 10.52 -12.52 -19.97
C ASP B 138 9.77 -13.07 -18.75
N ASN B 139 10.36 -14.08 -18.11
CA ASN B 139 9.81 -14.64 -16.87
C ASN B 139 10.63 -14.29 -15.64
N SER B 140 11.93 -14.04 -15.81
CA SER B 140 12.77 -13.67 -14.68
C SER B 140 12.46 -12.26 -14.18
N VAL B 141 12.01 -11.38 -15.07
CA VAL B 141 11.66 -10.03 -14.65
C VAL B 141 10.43 -10.04 -13.76
N HIS B 142 9.50 -10.96 -14.01
CA HIS B 142 8.29 -11.01 -13.20
C HIS B 142 8.59 -11.52 -11.79
N ILE B 143 9.60 -12.36 -11.63
CA ILE B 143 9.90 -12.91 -10.32
C ILE B 143 10.53 -11.85 -9.42
N THR B 144 11.57 -11.17 -9.89
CA THR B 144 12.21 -10.13 -9.09
C THR B 144 11.23 -9.03 -8.75
N ASN B 145 10.25 -8.80 -9.62
CA ASN B 145 9.28 -7.74 -9.35
C ASN B 145 8.29 -8.14 -8.28
N LEU B 146 7.94 -9.42 -8.20
CA LEU B 146 7.16 -9.91 -7.08
C LEU B 146 7.91 -9.68 -5.77
N VAL B 147 9.22 -9.95 -5.77
CA VAL B 147 10.04 -9.68 -4.60
C VAL B 147 10.03 -8.20 -4.27
N PHE B 148 10.18 -7.36 -5.29
CA PHE B 148 10.16 -5.91 -5.07
C PHE B 148 8.79 -5.45 -4.56
N SER B 149 7.71 -5.98 -5.13
CA SER B 149 6.38 -5.54 -4.75
C SER B 149 6.01 -6.01 -3.35
N ILE B 150 6.53 -7.15 -2.92
CA ILE B 150 6.27 -7.64 -1.56
C ILE B 150 6.98 -6.75 -0.54
N LEU B 151 8.27 -6.49 -0.77
CA LEU B 151 9.01 -5.61 0.13
C LEU B 151 8.41 -4.20 0.13
N ARG B 152 8.00 -3.71 -1.03
CA ARG B 152 7.41 -2.37 -1.09
C ARG B 152 6.08 -2.33 -0.34
N ASN B 153 5.23 -3.35 -0.52
CA ASN B 153 3.97 -3.39 0.18
C ASN B 153 4.16 -3.52 1.69
N ALA B 154 5.25 -4.15 2.11
CA ALA B 154 5.59 -4.23 3.53
C ALA B 154 6.23 -2.94 4.04
N ARG B 155 6.33 -1.91 3.19
CA ARG B 155 6.97 -0.65 3.56
C ARG B 155 8.38 -0.88 4.11
N ALA B 156 9.08 -1.84 3.50
CA ALA B 156 10.43 -2.22 3.90
C ALA B 156 11.51 -1.70 2.95
N LEU B 157 11.14 -0.83 2.01
CA LEU B 157 12.08 -0.28 1.03
C LEU B 157 12.17 1.22 1.28
N HIS B 158 13.14 1.61 2.12
CA HIS B 158 13.39 3.02 2.39
C HIS B 158 14.83 3.16 2.84
N VAL B 159 15.48 4.24 2.40
CA VAL B 159 16.87 4.51 2.73
C VAL B 159 16.97 5.89 3.37
N GLY B 160 17.82 6.01 4.38
CA GLY B 160 18.14 7.30 4.97
C GLY B 160 19.12 8.06 4.11
N GLU B 161 19.88 8.96 4.74
CA GLU B 161 20.87 9.74 4.01
C GLU B 161 21.91 8.84 3.35
N ALA B 162 22.27 7.75 4.01
CA ALA B 162 23.21 6.78 3.49
C ALA B 162 22.64 5.38 3.65
N PRO B 163 22.88 4.49 2.69
CA PRO B 163 22.44 3.09 2.85
C PRO B 163 23.16 2.44 4.02
N ASN B 164 22.40 1.71 4.85
CA ASN B 164 22.98 1.14 6.05
C ASN B 164 22.49 -0.28 6.34
N MET B 165 21.89 -0.94 5.35
CA MET B 165 21.29 -2.26 5.56
C MET B 165 22.35 -3.33 5.32
N VAL B 166 22.75 -4.03 6.37
CA VAL B 166 23.67 -5.15 6.27
C VAL B 166 22.97 -6.40 6.77
N VAL B 167 22.93 -7.45 5.95
CA VAL B 167 22.25 -8.66 6.39
C VAL B 167 23.28 -9.61 6.96
N CYS B 168 22.84 -10.41 7.92
CA CYS B 168 23.70 -11.34 8.64
C CYS B 168 23.13 -12.74 8.50
N TRP B 169 23.98 -13.70 8.12
CA TRP B 169 23.58 -15.08 7.95
C TRP B 169 24.32 -15.94 8.97
N GLY B 170 23.60 -16.91 9.53
CA GLY B 170 24.20 -17.79 10.52
C GLY B 170 23.24 -18.92 10.86
N GLY B 171 23.77 -19.88 11.61
CA GLY B 171 23.00 -21.05 11.97
C GLY B 171 21.98 -20.78 13.06
N HIS B 172 21.15 -21.78 13.30
CA HIS B 172 20.12 -21.73 14.35
C HIS B 172 20.69 -22.21 15.69
N SER B 173 21.14 -23.46 15.73
CA SER B 173 21.78 -24.02 16.93
C SER B 173 23.26 -23.72 16.84
N ILE B 174 23.71 -22.70 17.59
CA ILE B 174 25.09 -22.24 17.54
C ILE B 174 25.67 -22.26 18.95
N ASN B 175 26.95 -21.88 19.04
CA ASN B 175 27.71 -21.93 20.27
C ASN B 175 27.25 -20.85 21.25
N GLU B 176 27.72 -20.98 22.49
CA GLU B 176 27.55 -19.90 23.46
C GLU B 176 28.56 -18.79 23.21
N ASN B 177 29.74 -19.12 22.70
CA ASN B 177 30.72 -18.10 22.34
C ASN B 177 30.41 -17.48 20.99
N GLU B 178 29.85 -18.26 20.06
CA GLU B 178 29.42 -17.71 18.79
C GLU B 178 28.24 -16.76 18.97
N TYR B 179 27.39 -17.02 19.97
CA TYR B 179 26.29 -16.11 20.26
C TYR B 179 26.81 -14.79 20.81
N LEU B 180 27.72 -14.85 21.80
CA LEU B 180 28.29 -13.62 22.35
C LEU B 180 29.07 -12.86 21.28
N TYR B 181 29.86 -13.57 20.48
CA TYR B 181 30.58 -12.92 19.39
C TYR B 181 29.61 -12.33 18.38
N ALA B 182 28.53 -13.06 18.07
CA ALA B 182 27.50 -12.52 17.20
C ALA B 182 26.74 -11.36 17.84
N ARG B 183 26.78 -11.23 19.16
CA ARG B 183 26.19 -10.05 19.80
C ARG B 183 27.16 -8.87 19.79
N ARG B 184 28.46 -9.15 19.92
CA ARG B 184 29.46 -8.08 19.88
C ARG B 184 29.53 -7.43 18.51
N VAL B 185 29.42 -8.23 17.44
CA VAL B 185 29.44 -7.66 16.10
C VAL B 185 28.22 -6.77 15.87
N GLY B 186 27.04 -7.20 16.32
CA GLY B 186 25.86 -6.38 16.15
C GLY B 186 25.94 -5.08 16.92
N ASN B 187 26.55 -5.11 18.11
CA ASN B 187 26.70 -3.90 18.89
C ASN B 187 27.66 -2.92 18.21
N GLN B 188 28.79 -3.41 17.69
CA GLN B 188 29.68 -2.54 16.96
C GLN B 188 29.08 -2.11 15.61
N LEU B 189 28.20 -2.93 15.04
CA LEU B 189 27.45 -2.52 13.87
C LEU B 189 26.44 -1.44 14.23
N GLY B 190 25.69 -1.64 15.32
CA GLY B 190 24.73 -0.64 15.75
C GLY B 190 25.38 0.64 16.26
N LEU B 191 26.61 0.55 16.78
CA LEU B 191 27.34 1.73 17.19
C LEU B 191 27.68 2.63 16.02
N ARG B 192 27.77 2.08 14.82
CA ARG B 192 28.04 2.85 13.61
C ARG B 192 26.76 3.11 12.80
N GLU B 193 25.60 2.97 13.43
CA GLU B 193 24.30 3.34 12.85
C GLU B 193 24.00 2.54 11.58
N LEU B 194 24.11 1.22 11.70
CA LEU B 194 23.78 0.30 10.63
C LEU B 194 22.69 -0.66 11.09
N ASN B 195 21.84 -1.04 10.15
CA ASN B 195 20.69 -1.89 10.44
C ASN B 195 20.95 -3.34 10.02
N ILE B 196 20.21 -4.25 10.63
CA ILE B 196 20.43 -5.69 10.48
C ILE B 196 19.25 -6.28 9.72
N CYS B 197 19.53 -7.37 9.01
CA CYS B 197 18.49 -8.15 8.35
C CYS B 197 18.90 -9.61 8.38
N THR B 198 18.10 -10.45 9.03
CA THR B 198 18.38 -11.88 9.11
C THR B 198 17.15 -12.65 8.63
N GLY B 199 17.26 -13.98 8.67
CA GLY B 199 16.11 -14.83 8.38
C GLY B 199 15.24 -15.06 9.60
N CYS B 200 15.30 -14.14 10.55
CA CYS B 200 14.43 -14.08 11.74
C CYS B 200 14.51 -15.33 12.61
N GLY B 201 15.54 -16.15 12.46
CA GLY B 201 15.66 -17.36 13.23
C GLY B 201 16.34 -17.13 14.56
N PRO B 202 16.43 -18.17 15.38
CA PRO B 202 17.16 -18.08 16.65
C PRO B 202 18.67 -18.18 16.42
N GLY B 203 19.40 -18.19 17.53
CA GLY B 203 20.84 -18.38 17.45
C GLY B 203 21.53 -17.21 16.77
N ALA B 204 22.37 -17.53 15.78
CA ALA B 204 23.16 -16.52 15.09
C ALA B 204 22.31 -15.55 14.28
N MET B 205 21.01 -15.79 14.14
CA MET B 205 20.13 -14.88 13.41
C MET B 205 19.43 -13.87 14.31
N GLU B 206 19.51 -14.02 15.63
CA GLU B 206 18.98 -13.04 16.55
C GLU B 206 20.04 -12.39 17.44
N ALA B 207 21.18 -13.04 17.65
CA ALA B 207 22.23 -12.44 18.45
C ALA B 207 22.72 -11.10 17.92
N PRO B 208 22.94 -10.91 16.61
CA PRO B 208 23.34 -9.57 16.14
C PRO B 208 22.27 -8.51 16.34
N MET B 209 21.00 -8.89 16.43
CA MET B 209 19.95 -7.90 16.63
C MET B 209 19.96 -7.37 18.06
N LYS B 210 20.14 -8.25 19.06
CA LYS B 210 20.20 -7.79 20.44
C LYS B 210 21.43 -6.92 20.67
N GLY B 211 22.55 -7.28 20.02
CA GLY B 211 23.72 -6.41 20.07
C GLY B 211 23.45 -5.05 19.45
N ALA B 212 22.84 -5.05 18.26
CA ALA B 212 22.51 -3.80 17.60
C ALA B 212 21.44 -3.01 18.37
N ALA B 213 20.58 -3.70 19.12
CA ALA B 213 19.58 -3.00 19.91
C ALA B 213 20.24 -2.15 20.99
N VAL B 214 21.25 -2.69 21.68
CA VAL B 214 21.98 -1.88 22.66
C VAL B 214 22.99 -0.97 21.98
N GLY B 215 23.38 -1.27 20.73
CA GLY B 215 24.29 -0.39 20.02
C GLY B 215 23.60 0.89 19.55
N HIS B 216 22.39 0.75 18.99
CA HIS B 216 21.62 1.93 18.61
C HIS B 216 21.26 2.77 19.82
N ALA B 217 21.04 2.14 20.97
CA ALA B 217 20.76 2.88 22.20
C ALA B 217 21.98 3.65 22.66
N GLN B 218 23.19 3.13 22.41
CA GLN B 218 24.40 3.85 22.81
C GLN B 218 24.65 5.07 21.94
N GLN B 219 24.23 5.05 20.68
CA GLN B 219 24.39 6.21 19.81
C GLN B 219 23.08 6.95 19.56
N ARG B 220 22.04 6.63 20.34
CA ARG B 220 20.75 7.32 20.25
C ARG B 220 20.16 7.21 18.84
N TYR B 221 20.36 6.07 18.20
CA TYR B 221 19.73 5.81 16.92
C TYR B 221 18.25 5.54 17.14
N LYS B 222 17.40 6.49 16.74
CA LYS B 222 16.01 6.50 17.15
C LYS B 222 15.13 5.55 16.35
N ASP B 223 15.57 5.08 15.18
CA ASP B 223 14.75 4.25 14.29
C ASP B 223 15.56 3.05 13.83
N SER B 224 15.55 2.00 14.64
CA SER B 224 16.17 0.73 14.26
C SER B 224 15.25 -0.03 13.32
N ARG B 225 15.85 -0.75 12.37
CA ARG B 225 15.13 -1.64 11.48
C ARG B 225 15.83 -2.99 11.54
N PHE B 226 15.20 -3.95 12.22
CA PHE B 226 15.69 -5.31 12.34
C PHE B 226 14.76 -6.18 11.50
N ILE B 227 15.12 -6.36 10.23
CA ILE B 227 14.26 -7.01 9.27
C ILE B 227 14.46 -8.51 9.34
N GLY B 228 13.38 -9.24 9.66
CA GLY B 228 13.36 -10.68 9.56
C GLY B 228 12.64 -11.08 8.28
N MET B 229 13.29 -11.93 7.50
CA MET B 229 12.73 -12.41 6.24
C MET B 229 12.66 -13.93 6.29
N THR B 230 11.46 -14.45 6.42
CA THR B 230 11.22 -15.89 6.44
C THR B 230 10.31 -16.29 5.27
N GLU B 231 10.00 -17.57 5.22
CA GLU B 231 9.11 -18.12 4.20
C GLU B 231 8.36 -19.28 4.82
N PRO B 232 7.19 -19.64 4.28
CA PRO B 232 6.33 -20.64 4.95
C PRO B 232 7.01 -21.95 5.32
N SER B 233 7.82 -22.50 4.44
CA SER B 233 8.34 -23.85 4.65
C SER B 233 9.48 -23.91 5.66
N ILE B 234 9.91 -22.79 6.23
CA ILE B 234 10.99 -22.80 7.22
C ILE B 234 10.59 -22.07 8.49
N ILE B 235 9.43 -21.39 8.46
CA ILE B 235 9.04 -20.57 9.61
C ILE B 235 8.71 -21.42 10.83
N ALA B 236 8.25 -22.67 10.62
CA ALA B 236 7.89 -23.50 11.76
C ALA B 236 9.11 -24.10 12.46
N ALA B 237 10.19 -24.36 11.71
CA ALA B 237 11.41 -24.87 12.33
C ALA B 237 12.25 -23.73 12.93
N GLU B 238 12.20 -22.55 12.33
CA GLU B 238 12.94 -21.38 12.80
C GLU B 238 11.94 -20.28 13.14
N PRO B 239 11.35 -20.32 14.32
CA PRO B 239 10.34 -19.32 14.70
C PRO B 239 10.93 -17.92 14.70
N PRO B 240 10.16 -16.92 14.27
CA PRO B 240 10.66 -15.54 14.25
C PRO B 240 11.00 -15.04 15.65
N ASN B 241 12.28 -14.74 15.85
CA ASN B 241 12.76 -14.29 17.15
C ASN B 241 12.13 -12.96 17.54
N PRO B 242 12.02 -12.66 18.84
CA PRO B 242 11.29 -11.46 19.26
C PRO B 242 12.00 -10.15 18.94
N LEU B 243 13.27 -10.19 18.52
CA LEU B 243 13.99 -8.96 18.22
C LEU B 243 13.65 -8.39 16.84
N VAL B 244 12.88 -9.13 16.04
CA VAL B 244 12.51 -8.66 14.70
C VAL B 244 11.43 -7.60 14.83
N ASN B 245 11.63 -6.46 14.16
CA ASN B 245 10.63 -5.39 14.14
C ASN B 245 10.01 -5.19 12.76
N GLU B 246 10.56 -5.80 11.71
CA GLU B 246 9.99 -5.73 10.36
C GLU B 246 10.07 -7.12 9.74
N LEU B 247 9.04 -7.93 9.95
CA LEU B 247 9.01 -9.29 9.42
C LEU B 247 8.28 -9.31 8.08
N ILE B 248 8.88 -10.00 7.12
CA ILE B 248 8.30 -10.15 5.78
C ILE B 248 8.31 -11.62 5.41
N ILE B 249 7.20 -12.08 4.83
CA ILE B 249 7.03 -13.48 4.44
C ILE B 249 7.22 -13.56 2.93
N MET B 250 8.34 -14.17 2.48
CA MET B 250 8.50 -14.39 1.05
C MET B 250 7.84 -15.70 0.64
N PRO B 251 7.41 -15.82 -0.62
CA PRO B 251 6.63 -17.01 -1.01
C PRO B 251 7.38 -18.33 -0.87
N ASP B 252 8.64 -18.41 -1.24
CA ASP B 252 9.36 -19.67 -1.22
C ASP B 252 10.81 -19.43 -0.82
N ILE B 253 11.62 -20.49 -0.91
CA ILE B 253 13.00 -20.44 -0.49
C ILE B 253 13.83 -19.53 -1.39
N GLU B 254 13.60 -19.62 -2.70
CA GLU B 254 14.46 -18.91 -3.66
C GLU B 254 14.19 -17.41 -3.63
N LYS B 255 12.92 -17.01 -3.47
CA LYS B 255 12.60 -15.59 -3.41
C LYS B 255 13.09 -14.95 -2.12
N ARG B 256 13.08 -15.71 -1.01
CA ARG B 256 13.66 -15.18 0.22
C ARG B 256 15.16 -14.98 0.09
N LEU B 257 15.84 -15.90 -0.62
CA LEU B 257 17.26 -15.72 -0.90
C LEU B 257 17.50 -14.52 -1.80
N GLU B 258 16.65 -14.34 -2.81
CA GLU B 258 16.80 -13.20 -3.70
C GLU B 258 16.53 -11.88 -2.99
N ALA B 259 15.48 -11.83 -2.15
CA ALA B 259 15.21 -10.63 -1.38
C ALA B 259 16.41 -10.24 -0.52
N PHE B 260 17.11 -11.23 0.02
CA PHE B 260 18.28 -10.97 0.86
C PHE B 260 19.30 -10.10 0.13
N VAL B 261 19.78 -10.56 -1.03
CA VAL B 261 20.88 -9.88 -1.69
C VAL B 261 20.45 -8.59 -2.38
N ARG B 262 19.15 -8.40 -2.63
CA ARG B 262 18.71 -7.17 -3.27
C ARG B 262 18.46 -6.05 -2.27
N ILE B 263 17.88 -6.37 -1.11
CA ILE B 263 17.72 -5.39 -0.03
C ILE B 263 19.03 -5.12 0.69
N ALA B 264 20.08 -5.90 0.39
CA ALA B 264 21.34 -5.78 1.11
C ALA B 264 22.22 -4.68 0.54
N HIS B 265 22.92 -3.99 1.44
CA HIS B 265 24.08 -3.21 1.07
C HIS B 265 25.38 -3.84 1.52
N GLY B 266 25.31 -4.83 2.42
CA GLY B 266 26.48 -5.57 2.84
C GLY B 266 26.04 -6.87 3.47
N ILE B 267 26.92 -7.87 3.42
CA ILE B 267 26.64 -9.19 3.95
C ILE B 267 27.73 -9.54 4.95
N ILE B 268 27.35 -10.13 6.08
CA ILE B 268 28.28 -10.76 7.02
C ILE B 268 27.75 -12.15 7.33
N ILE B 269 28.62 -13.16 7.28
CA ILE B 269 28.24 -14.55 7.48
C ILE B 269 28.95 -15.09 8.71
N PHE B 270 28.18 -15.68 9.61
CA PHE B 270 28.67 -16.34 10.82
C PHE B 270 28.71 -17.84 10.61
N PRO B 271 29.45 -18.57 11.45
CA PRO B 271 29.35 -20.04 11.43
C PRO B 271 27.92 -20.50 11.59
N GLY B 272 27.55 -21.52 10.82
CA GLY B 272 26.19 -22.02 10.86
C GLY B 272 26.11 -23.42 10.30
N GLY B 273 24.90 -23.97 10.35
CA GLY B 273 24.66 -25.31 9.85
C GLY B 273 24.62 -25.36 8.34
N VAL B 274 23.83 -26.28 7.79
CA VAL B 274 23.77 -26.43 6.34
C VAL B 274 23.00 -25.27 5.70
N GLY B 275 21.99 -24.74 6.40
CA GLY B 275 21.26 -23.61 5.86
C GLY B 275 22.14 -22.40 5.59
N THR B 276 23.18 -22.22 6.41
CA THR B 276 24.12 -21.11 6.18
C THR B 276 25.04 -21.40 5.00
N ALA B 277 25.39 -22.67 4.78
CA ALA B 277 26.19 -23.03 3.61
C ALA B 277 25.45 -22.70 2.32
N GLU B 278 24.18 -23.10 2.23
CA GLU B 278 23.40 -22.81 1.03
C GLU B 278 23.35 -21.32 0.74
N GLU B 279 23.16 -20.50 1.78
CA GLU B 279 23.09 -19.05 1.57
C GLU B 279 24.40 -18.51 1.00
N LEU B 280 25.53 -19.06 1.45
CA LEU B 280 26.83 -18.56 1.00
C LEU B 280 27.05 -18.85 -0.48
N LEU B 281 26.62 -20.03 -0.95
CA LEU B 281 26.83 -20.39 -2.35
C LEU B 281 25.87 -19.65 -3.27
N TYR B 282 24.57 -19.67 -2.93
CA TYR B 282 23.58 -18.95 -3.72
C TYR B 282 24.06 -17.54 -4.02
N LEU B 283 24.60 -16.86 -3.00
CA LEU B 283 25.15 -15.53 -3.20
C LEU B 283 26.40 -15.60 -4.06
N LEU B 284 27.37 -16.44 -3.67
CA LEU B 284 28.62 -16.59 -4.41
C LEU B 284 28.38 -16.97 -5.88
N GLY B 285 27.26 -17.62 -6.18
CA GLY B 285 26.91 -17.85 -7.58
C GLY B 285 26.41 -16.63 -8.32
N ILE B 286 26.38 -15.46 -7.66
CA ILE B 286 25.91 -14.23 -8.27
C ILE B 286 27.05 -13.24 -8.48
N LEU B 287 27.99 -13.17 -7.55
CA LEU B 287 29.14 -12.29 -7.72
C LEU B 287 30.14 -12.84 -8.73
N MET B 288 30.22 -14.17 -8.88
CA MET B 288 31.13 -14.78 -9.84
C MET B 288 30.62 -14.72 -11.26
N ASN B 289 29.33 -14.40 -11.46
CA ASN B 289 28.82 -14.13 -12.79
C ASN B 289 29.56 -12.94 -13.39
N PRO B 290 30.13 -13.07 -14.59
CA PRO B 290 30.81 -11.91 -15.21
C PRO B 290 29.89 -10.72 -15.43
N ALA B 291 28.57 -10.92 -15.49
CA ALA B 291 27.66 -9.81 -15.65
C ALA B 291 27.56 -8.94 -14.39
N ASN B 292 28.21 -9.34 -13.31
CA ASN B 292 28.21 -8.60 -12.05
C ASN B 292 29.62 -8.22 -11.62
N LYS B 293 30.52 -7.96 -12.58
CA LYS B 293 31.89 -7.64 -12.25
C LYS B 293 32.03 -6.22 -11.70
N ASP B 294 31.12 -5.31 -12.05
CA ASP B 294 31.17 -3.93 -11.58
C ASP B 294 30.30 -3.69 -10.35
N GLN B 295 29.53 -4.68 -9.92
CA GLN B 295 28.71 -4.53 -8.73
C GLN B 295 29.57 -4.60 -7.47
N VAL B 296 29.28 -3.71 -6.53
CA VAL B 296 29.96 -3.72 -5.24
C VAL B 296 28.99 -4.25 -4.19
N LEU B 297 29.48 -5.18 -3.38
CA LEU B 297 28.74 -5.80 -2.30
C LEU B 297 29.75 -6.37 -1.32
N PRO B 298 29.97 -5.73 -0.18
CA PRO B 298 30.94 -6.24 0.79
C PRO B 298 30.47 -7.55 1.41
N LEU B 299 31.42 -8.46 1.60
CA LEU B 299 31.17 -9.71 2.30
C LEU B 299 32.36 -10.01 3.20
N ILE B 300 32.07 -10.23 4.48
CA ILE B 300 33.04 -10.60 5.50
C ILE B 300 32.50 -11.84 6.20
N LEU B 301 33.31 -12.92 6.22
CA LEU B 301 33.03 -14.08 7.06
C LEU B 301 33.75 -13.91 8.39
N THR B 302 32.98 -13.79 9.46
CA THR B 302 33.51 -13.47 10.78
C THR B 302 33.11 -14.56 11.76
N GLY B 303 33.93 -14.72 12.79
CA GLY B 303 33.70 -15.74 13.79
C GLY B 303 34.60 -15.55 14.99
N PRO B 304 34.31 -16.25 16.07
CA PRO B 304 35.11 -16.08 17.30
C PRO B 304 36.46 -16.75 17.23
N LYS B 305 37.09 -16.90 18.40
CA LYS B 305 38.44 -17.46 18.47
C LYS B 305 38.48 -18.88 17.90
N GLU B 306 37.46 -19.68 18.20
CA GLU B 306 37.47 -21.11 17.94
C GLU B 306 36.91 -21.48 16.57
N SER B 307 36.41 -20.52 15.81
CA SER B 307 35.94 -20.76 14.46
C SER B 307 37.06 -20.69 13.43
N ALA B 308 38.32 -20.67 13.88
CA ALA B 308 39.44 -20.62 12.96
C ALA B 308 39.50 -21.87 12.10
N ASP B 309 39.45 -23.05 12.73
CA ASP B 309 39.43 -24.29 11.96
C ASP B 309 38.15 -24.41 11.14
N TYR B 310 37.01 -23.99 11.70
CA TYR B 310 35.75 -24.09 10.98
C TYR B 310 35.78 -23.29 9.69
N PHE B 311 36.42 -22.12 9.71
CA PHE B 311 36.43 -21.27 8.53
C PHE B 311 37.40 -21.79 7.49
N ARG B 312 38.54 -22.32 7.93
CA ARG B 312 39.50 -22.88 6.99
C ARG B 312 38.92 -24.07 6.23
N VAL B 313 38.03 -24.84 6.85
CA VAL B 313 37.45 -25.98 6.13
C VAL B 313 36.36 -25.55 5.15
N LEU B 314 35.77 -24.38 5.36
CA LEU B 314 34.80 -23.85 4.42
C LEU B 314 35.46 -23.07 3.29
N ASP B 315 36.56 -22.38 3.59
CA ASP B 315 37.36 -21.77 2.53
C ASP B 315 37.94 -22.86 1.63
N GLU B 316 38.60 -23.85 2.23
CA GLU B 316 39.12 -24.97 1.45
C GLU B 316 38.01 -25.70 0.69
N PHE B 317 36.76 -25.53 1.10
CA PHE B 317 35.63 -26.03 0.31
C PHE B 317 35.47 -25.19 -0.95
N VAL B 318 35.03 -23.93 -0.80
CA VAL B 318 34.71 -23.12 -1.97
C VAL B 318 35.93 -22.69 -2.77
N VAL B 319 37.14 -22.90 -2.24
CA VAL B 319 38.34 -22.73 -3.06
C VAL B 319 38.65 -24.00 -3.86
N HIS B 320 38.12 -25.15 -3.44
CA HIS B 320 38.22 -26.38 -4.22
C HIS B 320 37.02 -26.61 -5.12
N THR B 321 35.88 -25.95 -4.84
CA THR B 321 34.68 -26.06 -5.64
C THR B 321 34.65 -25.02 -6.77
N LEU B 322 34.89 -23.77 -6.43
CA LEU B 322 34.71 -22.64 -7.32
C LEU B 322 36.02 -22.03 -7.79
N GLY B 323 37.17 -22.57 -7.35
CA GLY B 323 38.45 -21.99 -7.67
C GLY B 323 38.87 -20.94 -6.68
N GLU B 324 40.08 -20.42 -6.88
CA GLU B 324 40.59 -19.33 -6.06
C GLU B 324 39.96 -17.99 -6.40
N ASN B 325 39.05 -17.96 -7.40
CA ASN B 325 38.32 -16.75 -7.71
C ASN B 325 37.39 -16.32 -6.59
N ALA B 326 36.97 -17.26 -5.73
CA ALA B 326 36.00 -16.97 -4.70
C ALA B 326 36.55 -16.03 -3.62
N ARG B 327 37.86 -15.93 -3.49
CA ARG B 327 38.48 -15.12 -2.44
C ARG B 327 38.69 -13.66 -2.85
N ARG B 328 38.36 -13.30 -4.09
CA ARG B 328 38.42 -11.90 -4.49
C ARG B 328 37.18 -11.11 -4.09
N HIS B 329 36.13 -11.80 -3.62
CA HIS B 329 34.87 -11.16 -3.27
C HIS B 329 34.58 -11.20 -1.78
N TYR B 330 35.43 -11.83 -0.97
CA TYR B 330 35.22 -11.86 0.48
C TYR B 330 36.55 -11.74 1.20
N ARG B 331 36.45 -11.47 2.50
CA ARG B 331 37.57 -11.43 3.41
C ARG B 331 37.14 -12.07 4.72
N ILE B 332 38.06 -12.79 5.35
CA ILE B 332 37.78 -13.55 6.57
C ILE B 332 38.54 -12.90 7.72
N ILE B 333 37.79 -12.51 8.76
CA ILE B 333 38.35 -11.91 9.97
C ILE B 333 37.92 -12.75 11.17
N ILE B 334 38.82 -12.91 12.13
CA ILE B 334 38.63 -13.81 13.26
C ILE B 334 38.74 -13.02 14.56
N ASP B 335 37.83 -13.30 15.50
CA ASP B 335 37.87 -12.75 16.85
C ASP B 335 37.99 -11.23 16.84
N ASP B 336 37.11 -10.60 16.08
CA ASP B 336 37.05 -9.14 16.02
C ASP B 336 35.65 -8.73 15.64
N ALA B 337 35.02 -7.92 16.49
CA ALA B 337 33.72 -7.34 16.17
C ALA B 337 33.82 -5.91 15.65
N ALA B 338 34.80 -5.13 16.12
CA ALA B 338 34.87 -3.72 15.75
C ALA B 338 35.38 -3.54 14.33
N GLU B 339 36.30 -4.39 13.87
CA GLU B 339 36.88 -4.19 12.54
C GLU B 339 35.88 -4.52 11.44
N VAL B 340 35.14 -5.63 11.56
CA VAL B 340 34.20 -5.98 10.51
C VAL B 340 33.05 -5.00 10.48
N ALA B 341 32.75 -4.35 11.62
CA ALA B 341 31.76 -3.29 11.62
C ALA B 341 32.34 -2.00 11.06
N ARG B 342 33.60 -1.70 11.41
CA ARG B 342 34.24 -0.50 10.90
C ARG B 342 34.45 -0.58 9.40
N GLN B 343 34.82 -1.76 8.90
CA GLN B 343 34.99 -1.93 7.46
C GLN B 343 33.65 -2.01 6.74
N MET B 344 32.63 -2.56 7.38
CA MET B 344 31.30 -2.56 6.79
C MET B 344 30.73 -1.14 6.72
N LYS B 345 31.07 -0.29 7.68
CA LYS B 345 30.58 1.09 7.65
C LYS B 345 31.28 1.88 6.55
N LYS B 346 32.60 1.75 6.45
CA LYS B 346 33.36 2.46 5.42
C LYS B 346 33.03 1.97 4.00
N SER B 347 32.26 0.90 3.87
CA SER B 347 31.85 0.41 2.56
C SER B 347 30.60 1.07 2.03
N MET B 348 29.77 1.63 2.92
CA MET B 348 28.51 2.25 2.49
C MET B 348 28.71 3.38 1.49
N PRO B 349 29.66 4.32 1.66
CA PRO B 349 29.87 5.32 0.61
C PRO B 349 30.19 4.70 -0.74
N LEU B 350 30.96 3.61 -0.78
CA LEU B 350 31.26 2.96 -2.05
C LEU B 350 30.04 2.24 -2.58
N VAL B 351 29.26 1.62 -1.70
CA VAL B 351 27.98 1.04 -2.11
C VAL B 351 27.06 2.12 -2.66
N LYS B 352 26.92 3.22 -1.92
CA LYS B 352 26.10 4.33 -2.38
C LYS B 352 26.56 4.82 -3.75
N GLU B 353 27.87 5.08 -3.90
CA GLU B 353 28.39 5.63 -5.14
C GLU B 353 28.10 4.72 -6.32
N ASN B 354 28.19 3.40 -6.11
CA ASN B 354 28.00 2.46 -7.21
C ASN B 354 26.53 2.39 -7.64
N ARG B 355 25.60 2.54 -6.69
CA ARG B 355 24.19 2.54 -7.05
C ARG B 355 23.84 3.72 -7.96
N ARG B 356 24.60 4.81 -7.85
CA ARG B 356 24.31 6.00 -8.66
C ARG B 356 24.87 5.87 -10.07
N ASP B 357 26.07 5.30 -10.20
CA ASP B 357 26.66 5.12 -11.53
C ASP B 357 25.76 4.28 -12.42
N THR B 358 25.09 3.28 -11.84
CA THR B 358 24.11 2.51 -12.61
C THR B 358 22.82 3.28 -12.83
N GLY B 359 22.51 4.23 -11.95
CA GLY B 359 21.17 4.76 -11.90
C GLY B 359 20.22 3.88 -11.13
N ASP B 360 20.74 2.98 -10.32
CA ASP B 360 19.96 2.03 -9.54
C ASP B 360 19.34 2.73 -8.34
N ALA B 361 18.73 1.94 -7.46
CA ALA B 361 18.10 2.44 -6.25
C ALA B 361 18.94 2.07 -5.02
N TYR B 362 18.84 2.90 -3.98
CA TYR B 362 19.59 2.63 -2.76
C TYR B 362 18.99 1.45 -2.00
N SER B 363 17.67 1.39 -1.90
CA SER B 363 17.00 0.40 -1.07
C SER B 363 16.71 -0.91 -1.78
N PHE B 364 17.05 -1.02 -3.07
CA PHE B 364 16.78 -2.24 -3.83
C PHE B 364 17.76 -2.31 -4.98
N ASN B 365 18.57 -3.37 -5.01
CA ASN B 365 19.56 -3.56 -6.07
C ASN B 365 18.89 -4.19 -7.28
N TRP B 366 18.47 -3.35 -8.24
CA TRP B 366 17.91 -3.86 -9.49
C TRP B 366 18.99 -4.34 -10.45
N SER B 367 20.16 -3.72 -10.43
CA SER B 367 21.16 -3.93 -11.47
C SER B 367 21.82 -5.29 -11.38
N MET B 368 21.94 -5.85 -10.17
CA MET B 368 22.57 -7.15 -10.01
C MET B 368 21.78 -8.21 -10.76
N ARG B 369 22.48 -9.03 -11.54
CA ARG B 369 21.86 -10.06 -12.37
C ARG B 369 21.91 -11.39 -11.61
N ILE B 370 20.74 -11.88 -11.20
CA ILE B 370 20.60 -13.20 -10.62
C ILE B 370 20.14 -14.13 -11.72
N ALA B 371 20.99 -15.09 -12.09
CA ALA B 371 20.71 -15.97 -13.22
C ALA B 371 19.41 -16.75 -12.99
N PRO B 372 18.64 -16.99 -14.05
CA PRO B 372 17.40 -17.78 -13.90
C PRO B 372 17.63 -19.18 -13.33
N ASP B 373 18.86 -19.71 -13.42
CA ASP B 373 19.14 -21.01 -12.83
C ASP B 373 19.22 -20.96 -11.31
N LEU B 374 19.36 -19.77 -10.73
CA LEU B 374 19.35 -19.62 -9.28
C LEU B 374 18.01 -19.15 -8.73
N GLN B 375 17.09 -18.72 -9.59
CA GLN B 375 15.74 -18.36 -9.17
C GLN B 375 14.77 -19.53 -9.24
N MET B 376 15.12 -20.62 -9.93
CA MET B 376 14.18 -21.71 -10.11
C MET B 376 14.04 -22.51 -8.81
N PRO B 377 12.82 -22.91 -8.46
CA PRO B 377 12.60 -23.64 -7.20
C PRO B 377 13.12 -25.07 -7.27
N PHE B 378 13.03 -25.75 -6.13
CA PHE B 378 13.50 -27.12 -6.01
C PHE B 378 12.71 -27.82 -4.92
N GLU B 379 12.04 -28.93 -5.29
CA GLU B 379 11.37 -29.77 -4.32
C GLU B 379 12.23 -30.99 -4.05
N PRO B 380 12.75 -31.15 -2.83
CA PRO B 380 13.81 -32.14 -2.56
C PRO B 380 13.27 -33.56 -2.54
N SER B 381 13.81 -34.37 -3.44
CA SER B 381 13.52 -35.81 -3.49
C SER B 381 14.80 -36.53 -3.87
N HIS B 382 14.93 -37.78 -3.38
CA HIS B 382 15.99 -38.65 -3.88
C HIS B 382 16.02 -38.61 -5.40
N GLU B 383 14.84 -38.74 -6.01
CA GLU B 383 14.71 -38.66 -7.46
C GLU B 383 15.37 -37.41 -8.03
N ASN B 384 15.05 -36.24 -7.47
CA ASN B 384 15.63 -35.02 -8.00
C ASN B 384 16.97 -34.67 -7.38
N MET B 385 17.27 -35.17 -6.18
CA MET B 385 18.65 -35.09 -5.72
C MET B 385 19.59 -35.98 -6.55
N ALA B 386 19.04 -36.75 -7.49
CA ALA B 386 19.86 -37.70 -8.24
C ALA B 386 20.71 -37.02 -9.30
N ASN B 387 20.06 -36.29 -10.22
CA ASN B 387 20.70 -35.81 -11.44
C ASN B 387 21.36 -34.46 -11.26
N LEU B 388 21.78 -34.14 -10.03
CA LEU B 388 22.60 -33.00 -9.72
C LEU B 388 23.93 -33.00 -10.49
N LYS B 389 24.21 -31.91 -11.20
CA LYS B 389 25.48 -31.74 -11.91
C LYS B 389 26.52 -31.09 -11.01
N LEU B 390 27.43 -31.90 -10.46
CA LEU B 390 28.44 -31.49 -9.50
C LEU B 390 29.86 -31.74 -10.01
N TYR B 391 30.09 -31.55 -11.32
CA TYR B 391 31.49 -31.69 -11.71
C TYR B 391 32.17 -30.32 -11.72
N PRO B 392 33.43 -30.24 -11.26
CA PRO B 392 34.19 -28.97 -11.35
C PRO B 392 34.50 -28.52 -12.77
N ASP B 393 34.08 -29.28 -13.78
CA ASP B 393 34.10 -28.87 -15.18
C ASP B 393 33.53 -27.49 -15.35
N GLN B 394 32.46 -27.22 -14.65
CA GLN B 394 31.42 -26.35 -15.18
C GLN B 394 31.85 -24.88 -15.17
N PRO B 395 31.07 -24.00 -15.79
CA PRO B 395 31.13 -22.60 -15.39
C PRO B 395 30.81 -22.50 -13.91
N VAL B 396 31.59 -21.68 -13.21
CA VAL B 396 31.50 -21.50 -11.76
C VAL B 396 30.06 -21.29 -11.32
N GLU B 397 29.25 -20.70 -12.20
CA GLU B 397 27.89 -20.33 -11.84
C GLU B 397 26.99 -21.56 -11.70
N VAL B 398 26.96 -22.42 -12.73
CA VAL B 398 26.00 -23.52 -12.72
C VAL B 398 26.34 -24.56 -11.66
N LEU B 399 27.62 -24.69 -11.30
CA LEU B 399 27.98 -25.61 -10.23
C LEU B 399 27.40 -25.14 -8.91
N ALA B 400 27.78 -23.94 -8.45
CA ALA B 400 27.25 -23.41 -7.20
C ALA B 400 25.73 -23.25 -7.26
N ALA B 401 25.17 -23.00 -8.45
CA ALA B 401 23.73 -22.79 -8.56
C ALA B 401 22.98 -24.04 -8.14
N ASP B 402 23.44 -25.19 -8.57
CA ASP B 402 22.80 -26.43 -8.27
C ASP B 402 23.45 -27.14 -7.08
N LEU B 403 24.69 -26.80 -6.74
CA LEU B 403 25.29 -27.29 -5.50
C LEU B 403 24.52 -26.80 -4.28
N ARG B 404 24.02 -25.56 -4.33
CA ARG B 404 23.20 -25.06 -3.23
C ARG B 404 21.84 -25.75 -3.18
N ARG B 405 21.38 -26.32 -4.29
CA ARG B 405 20.17 -27.13 -4.21
C ARG B 405 20.39 -28.35 -3.33
N ALA B 406 21.56 -28.98 -3.41
CA ALA B 406 21.86 -30.12 -2.53
C ALA B 406 21.77 -29.72 -1.06
N PHE B 407 22.22 -28.50 -0.72
CA PHE B 407 22.08 -28.01 0.64
C PHE B 407 20.63 -27.71 0.98
N SER B 408 19.89 -27.14 0.04
CA SER B 408 18.45 -26.97 0.23
C SER B 408 17.75 -28.30 0.44
N GLY B 409 18.31 -29.39 -0.10
CA GLY B 409 17.66 -30.68 0.01
C GLY B 409 17.80 -31.29 1.39
N ILE B 410 18.97 -31.13 2.01
CA ILE B 410 19.19 -31.73 3.32
C ILE B 410 18.72 -30.82 4.46
N VAL B 411 18.54 -29.52 4.23
CA VAL B 411 17.81 -28.74 5.22
C VAL B 411 16.37 -29.21 5.28
N ALA B 412 15.78 -29.55 4.14
CA ALA B 412 14.44 -30.12 4.14
C ALA B 412 14.45 -31.50 4.80
N GLY B 413 15.47 -32.32 4.52
CA GLY B 413 15.62 -33.58 5.21
C GLY B 413 15.89 -33.40 6.70
N ASN B 414 16.50 -32.28 7.07
CA ASN B 414 16.84 -32.05 8.48
C ASN B 414 15.64 -31.54 9.27
N VAL B 415 14.96 -30.49 8.77
CA VAL B 415 14.02 -29.73 9.57
C VAL B 415 12.57 -29.87 9.12
N LYS B 416 12.30 -29.92 7.81
CA LYS B 416 10.92 -29.80 7.34
C LYS B 416 10.21 -31.13 7.04
N GLU B 417 8.89 -31.08 7.19
CA GLU B 417 8.03 -32.28 7.23
C GLU B 417 8.23 -33.22 6.04
N VAL B 418 8.33 -32.69 4.82
CA VAL B 418 8.39 -33.57 3.66
C VAL B 418 9.78 -34.15 3.46
N GLY B 419 10.81 -33.30 3.59
CA GLY B 419 12.17 -33.77 3.50
C GLY B 419 12.51 -34.75 4.61
N ILE B 420 12.06 -34.46 5.83
CA ILE B 420 12.25 -35.42 6.93
C ILE B 420 11.55 -36.74 6.59
N ARG B 421 10.29 -36.66 6.17
CA ARG B 421 9.53 -37.86 5.85
C ARG B 421 10.12 -38.59 4.65
N ALA B 422 10.37 -37.87 3.55
CA ALA B 422 10.94 -38.51 2.37
C ALA B 422 12.27 -39.17 2.70
N ILE B 423 13.08 -38.52 3.54
CA ILE B 423 14.32 -39.13 4.00
C ILE B 423 14.02 -40.22 5.02
N GLU B 424 12.90 -40.10 5.74
CA GLU B 424 12.51 -41.12 6.72
C GLU B 424 12.17 -42.43 6.03
N GLU B 425 11.24 -42.37 5.09
CA GLU B 425 10.63 -43.60 4.59
C GLU B 425 11.52 -44.29 3.56
N PHE B 426 12.13 -43.53 2.65
CA PHE B 426 12.76 -44.12 1.48
C PHE B 426 14.28 -43.94 1.46
N GLY B 427 14.88 -43.46 2.56
CA GLY B 427 16.33 -43.44 2.70
C GLY B 427 16.94 -42.06 2.72
N PRO B 428 18.26 -41.98 3.02
CA PRO B 428 18.96 -40.68 3.00
C PRO B 428 19.46 -40.28 1.62
N TYR B 429 20.06 -39.09 1.50
CA TYR B 429 20.58 -38.57 0.23
C TYR B 429 22.10 -38.53 0.28
N LYS B 430 22.74 -39.32 -0.58
CA LYS B 430 24.19 -39.30 -0.82
C LYS B 430 24.39 -39.68 -2.29
N ILE B 431 24.20 -38.72 -3.18
CA ILE B 431 23.75 -39.02 -4.53
C ILE B 431 24.84 -38.83 -5.58
N ASN B 432 25.63 -37.76 -5.53
CA ASN B 432 26.54 -37.45 -6.62
C ASN B 432 27.94 -37.16 -6.10
N GLY B 433 28.90 -37.94 -6.57
CA GLY B 433 30.28 -37.81 -6.12
C GLY B 433 31.23 -37.19 -7.12
N ASP B 434 32.34 -36.68 -6.63
CA ASP B 434 33.42 -36.18 -7.47
C ASP B 434 34.71 -36.22 -6.66
N LYS B 435 35.68 -35.40 -7.06
CA LYS B 435 37.06 -35.58 -6.66
C LYS B 435 37.29 -35.13 -5.22
N GLU B 436 37.77 -33.89 -5.03
CA GLU B 436 37.80 -33.34 -3.67
C GLU B 436 36.41 -32.99 -3.19
N ILE B 437 35.56 -32.45 -4.08
CA ILE B 437 34.32 -31.83 -3.63
C ILE B 437 33.43 -32.85 -2.93
N MET B 438 33.45 -34.12 -3.35
CA MET B 438 32.74 -35.12 -2.57
C MET B 438 33.50 -35.50 -1.31
N ARG B 439 34.82 -35.52 -1.39
CA ARG B 439 35.63 -35.52 -0.17
C ARG B 439 35.28 -34.32 0.70
N ARG B 440 35.04 -33.15 0.08
CA ARG B 440 34.77 -31.93 0.84
C ARG B 440 33.32 -31.82 1.28
N MET B 441 32.38 -32.28 0.43
CA MET B 441 30.96 -32.23 0.76
C MET B 441 30.74 -32.86 2.12
N ASP B 442 30.98 -34.16 2.21
CA ASP B 442 30.81 -34.90 3.46
C ASP B 442 31.89 -34.60 4.48
N ASP B 443 32.98 -33.94 4.07
CA ASP B 443 33.87 -33.32 5.05
C ASP B 443 33.12 -32.30 5.89
N LEU B 444 32.17 -31.59 5.28
CA LEU B 444 31.50 -30.48 5.94
C LEU B 444 30.40 -30.95 6.87
N LEU B 445 29.44 -31.73 6.36
CA LEU B 445 28.34 -32.17 7.21
C LEU B 445 28.85 -33.01 8.38
N GLN B 446 29.95 -33.74 8.20
CA GLN B 446 30.61 -34.37 9.34
C GLN B 446 31.33 -33.34 10.20
N GLY B 447 32.00 -32.38 9.57
CA GLY B 447 32.50 -31.23 10.28
C GLY B 447 31.44 -30.27 10.78
N PHE B 448 30.17 -30.54 10.46
CA PHE B 448 29.02 -29.80 10.99
C PHE B 448 28.35 -30.54 12.15
N VAL B 449 28.14 -31.84 12.02
CA VAL B 449 27.53 -32.62 13.11
C VAL B 449 28.46 -32.64 14.31
N ALA B 450 29.76 -32.42 14.11
CA ALA B 450 30.72 -32.41 15.22
C ALA B 450 30.29 -31.42 16.31
N GLN B 451 29.93 -30.19 15.91
CA GLN B 451 29.48 -29.17 16.84
C GLN B 451 27.96 -29.09 16.94
N HIS B 452 27.26 -30.15 16.51
CA HIS B 452 25.81 -30.25 16.63
C HIS B 452 25.11 -29.06 15.98
N ARG B 453 25.36 -28.90 14.68
CA ARG B 453 24.74 -27.84 13.88
C ARG B 453 23.51 -28.34 13.13
N MET B 454 22.89 -29.42 13.60
CA MET B 454 21.72 -30.02 12.96
C MET B 454 21.99 -30.36 11.50
#